data_8DL7
#
_entry.id   8DL7
#
_cell.length_a   1.00
_cell.length_b   1.00
_cell.length_c   1.00
_cell.angle_alpha   90.00
_cell.angle_beta   90.00
_cell.angle_gamma   90.00
#
_symmetry.space_group_name_H-M   'P 1'
#
loop_
_entity.id
_entity.type
_entity.pdbx_description
1 polymer 'Solute carrier family 40 member 1'
2 polymer '11F9 light-chain'
3 polymer '11F9 heavy-chain'
4 polymer 'Minihepcidin PR73'
5 non-polymer '(2S)-3-(hexadecanoyloxy)-2-[(9Z)-octadec-9-enoyloxy]propyl 2-(trimethylammonio)ethyl phosphate'
6 water water
#
loop_
_entity_poly.entity_id
_entity_poly.type
_entity_poly.pdbx_seq_one_letter_code
_entity_poly.pdbx_strand_id
1 'polypeptide(L)'
;MTRAGDHNRQRGCCGSLADYLTSAKFLLYLGHSLSTWGDRMWHFAVSVFLVELYGNSLLLTAVYGLVVAGSVLVLGAIIG
DWVDKNARLKVAQTSLVVQNVSVILCGIILMMVFLHKHELLTMYHGWVLTSCYILIITIANIANLASTATAITIQRDWIV
VVAGEDRSKLANMNATIRRIDQLTNILAPMAVGQIMTFGSPVIGCGFISGWNLVSMCVEYVLLWKVYQKTPALAVKAGLK
EEETELKQLNLHKDTEPKPLEGTHLMGVKDSNIHELEHEQEPTCASQMAEPFRTFRDGWVSYYNQPVFLAGMGLAFLYMT
VLGFDCITTGYAYTQGLSGSILSILMGASAITGIMGTVAFTWLRRKCGLVRTGLISGLAQLSCLILCVISVFMPGSPLDL
SVSPFEDIRSRFIQGESITPTKIPEITTEIYMSNGSNSANIVPETSPESVPIISVSLLFAGVIAARIGLWSFDLTVTQLL
QENVIESERGIINGVQNSMNYLLDLLHFIMVILAPNPEAFGLLVLISVSFVAMGHIMYFRFAQNTLGNKLFACGPDAKEV
RKENQANTSVVENLYFQ
;
A
2 'polypeptide(L)'
;DIVMTQSQKFMSTSVGDRVSITCKASQNVGTAVAWYQKKPGQSPKLLIYSASNRYSGVPDRFTGSGSGTDFTLTISNMQS
EDLADYFCQQYGSYPLTFGSGTKLEIKEAEAAPTVSIFPPSSEQLTSGGASVVCFLNNFYPKDINVKWKIDGSERQNGVL
NSWTDQDSKDSTYSMSSTLTLTKDEYERHNSYTCEATHKTSTSPIVKSFNRNE
;
C
3 'polypeptide(L)'
;MKCSWVIFFLMAVVTGVNSEVQLQQSGAELVRPGALVKLSCKASGFNIKDYYMHWVKERPEQGLEWIGWIDPENGNTIYD
PKFQGKASITADTSSNTAYLQLSSLTSEDTAVYYCARKRGYYGPYFDYWGQGTTLTVSSKTTAPSVYPLAPVCGDTTGSS
VTLGCLVKGYFPEPVTLTWNSGSLSSGVHTFPAVLQSGLYTLSSSVTVTSSTWPSQSITCNVAHPASSTKVDKKIEPA
;
D
4 'polypeptide(L)' (SQ6)TH(2GX)(EOE)RCR(3FB)(ACA)(SOW)(SQI) F
#
loop_
_chem_comp.id
_chem_comp.type
_chem_comp.name
_chem_comp.formula
3FB non-polymer '(3S)-3-AMINO-4-PHENYLBUTANOIC ACID' 'C10 H13 N O2'
POV non-polymer '(2S)-3-(hexadecanoyloxy)-2-[(9Z)-octadec-9-enoyloxy]propyl 2-(trimethylammonio)ethyl phosphate' 'C42 H82 N O8 P'
SOW peptide-like '[(2-amino-2-oxoethyl)amino]acetic acid' 'C4 H8 N2 O3'
SQ6 peptide-like '2,2'-azanediyldiacetic acid' 'C4 H7 N O4'
SQI non-polymer hexadecan-1-amine 'C16 H35 N'
#
# COMPACT_ATOMS: atom_id res chain seq x y z
N GLY A 12 10.60 -12.44 -41.45
CA GLY A 12 9.30 -12.67 -40.85
C GLY A 12 9.23 -13.98 -40.09
N CYS A 13 10.03 -14.94 -40.49
CA CYS A 13 10.08 -16.25 -39.85
C CYS A 13 11.48 -16.65 -39.39
N CYS A 14 12.51 -16.32 -40.16
CA CYS A 14 13.87 -16.73 -39.79
C CYS A 14 14.38 -15.92 -38.60
N GLY A 15 14.08 -14.63 -38.55
CA GLY A 15 14.62 -13.77 -37.52
C GLY A 15 13.71 -13.59 -36.31
N SER A 16 12.42 -13.36 -36.55
CA SER A 16 11.49 -13.12 -35.45
C SER A 16 11.39 -14.34 -34.55
N LEU A 17 11.30 -15.54 -35.14
CA LEU A 17 11.23 -16.76 -34.34
C LEU A 17 12.49 -16.96 -33.51
N ALA A 18 13.66 -16.73 -34.12
CA ALA A 18 14.91 -16.89 -33.38
C ALA A 18 14.99 -15.89 -32.23
N ASP A 19 14.56 -14.65 -32.47
CA ASP A 19 14.57 -13.66 -31.40
C ASP A 19 13.61 -14.04 -30.28
N TYR A 20 12.43 -14.55 -30.64
CA TYR A 20 11.46 -14.93 -29.62
C TYR A 20 11.96 -16.10 -28.78
N LEU A 21 12.61 -17.09 -29.41
CA LEU A 21 13.06 -18.27 -28.70
C LEU A 21 14.30 -18.00 -27.85
N THR A 22 14.78 -16.77 -27.78
CA THR A 22 15.94 -16.40 -26.99
C THR A 22 15.60 -15.24 -26.07
N SER A 23 14.46 -15.34 -25.40
CA SER A 23 14.01 -14.32 -24.47
C SER A 23 13.77 -14.95 -23.11
N ALA A 24 13.78 -14.10 -22.08
CA ALA A 24 13.60 -14.59 -20.72
C ALA A 24 12.25 -15.25 -20.54
N LYS A 25 11.20 -14.69 -21.15
CA LYS A 25 9.87 -15.21 -20.98
C LYS A 25 9.75 -16.66 -21.47
N PHE A 26 10.26 -16.92 -22.66
CA PHE A 26 10.15 -18.27 -23.22
C PHE A 26 10.93 -19.28 -22.41
N LEU A 27 12.13 -18.91 -21.95
CA LEU A 27 12.93 -19.82 -21.15
C LEU A 27 12.25 -20.11 -19.81
N LEU A 28 11.63 -19.09 -19.21
CA LEU A 28 10.88 -19.32 -17.99
C LEU A 28 9.72 -20.29 -18.23
N TYR A 29 9.01 -20.11 -19.34
CA TYR A 29 7.92 -21.02 -19.68
C TYR A 29 8.43 -22.45 -19.81
N LEU A 30 9.54 -22.62 -20.53
CA LEU A 30 10.09 -23.96 -20.76
C LEU A 30 10.49 -24.63 -19.44
N GLY A 31 11.17 -23.88 -18.57
CA GLY A 31 11.57 -24.44 -17.29
C GLY A 31 10.38 -24.85 -16.44
N HIS A 32 9.36 -23.98 -16.38
CA HIS A 32 8.17 -24.32 -15.61
C HIS A 32 7.49 -25.57 -16.16
N SER A 33 7.40 -25.68 -17.49
CA SER A 33 6.74 -26.83 -18.08
C SER A 33 7.49 -28.12 -17.75
N LEU A 34 8.81 -28.11 -17.86
CA LEU A 34 9.59 -29.30 -17.52
C LEU A 34 9.40 -29.68 -16.05
N SER A 35 9.46 -28.69 -15.15
CA SER A 35 9.31 -28.98 -13.74
C SER A 35 7.94 -29.60 -13.44
N THR A 36 6.88 -29.01 -13.99
CA THR A 36 5.55 -29.54 -13.74
C THR A 36 5.39 -30.95 -14.30
N TRP A 37 5.92 -31.19 -15.50
CA TRP A 37 5.84 -32.53 -16.09
C TRP A 37 6.48 -33.56 -15.17
N GLY A 38 7.71 -33.29 -14.73
CA GLY A 38 8.38 -34.23 -13.84
C GLY A 38 7.62 -34.45 -12.55
N ASP A 39 7.13 -33.37 -11.95
CA ASP A 39 6.44 -33.47 -10.67
C ASP A 39 5.19 -34.33 -10.81
N ARG A 40 4.37 -34.06 -11.83
CA ARG A 40 3.13 -34.82 -11.98
C ARG A 40 3.40 -36.28 -12.28
N MET A 41 4.38 -36.56 -13.13
CA MET A 41 4.71 -37.97 -13.42
C MET A 41 5.13 -38.70 -12.15
N TRP A 42 5.98 -38.06 -11.34
CA TRP A 42 6.40 -38.68 -10.09
C TRP A 42 5.22 -38.91 -9.15
N HIS A 43 4.33 -37.93 -9.05
CA HIS A 43 3.21 -38.05 -8.13
C HIS A 43 2.31 -39.22 -8.51
N PHE A 44 1.98 -39.32 -9.81
CA PHE A 44 1.14 -40.43 -10.24
C PHE A 44 1.82 -41.76 -10.02
N ALA A 45 3.13 -41.84 -10.32
CA ALA A 45 3.84 -43.09 -10.13
C ALA A 45 3.83 -43.52 -8.67
N VAL A 46 4.07 -42.58 -7.75
CA VAL A 46 4.08 -42.91 -6.33
C VAL A 46 2.70 -43.37 -5.89
N SER A 47 1.65 -42.68 -6.31
CA SER A 47 0.30 -43.09 -5.92
C SER A 47 0.02 -44.51 -6.37
N VAL A 48 0.30 -44.81 -7.65
CA VAL A 48 0.00 -46.13 -8.18
C VAL A 48 0.82 -47.19 -7.46
N PHE A 49 2.11 -46.94 -7.25
CA PHE A 49 2.97 -47.95 -6.65
C PHE A 49 2.58 -48.21 -5.21
N LEU A 50 2.28 -47.17 -4.43
CA LEU A 50 1.87 -47.39 -3.05
C LEU A 50 0.51 -48.08 -2.98
N VAL A 51 -0.38 -47.82 -3.94
CA VAL A 51 -1.64 -48.56 -3.98
C VAL A 51 -1.37 -50.02 -4.30
N GLU A 52 -0.37 -50.30 -5.13
CA GLU A 52 -0.15 -51.66 -5.61
C GLU A 52 0.59 -52.53 -4.60
N LEU A 53 1.83 -52.15 -4.26
CA LEU A 53 2.69 -53.08 -3.51
C LEU A 53 2.13 -53.35 -2.13
N TYR A 54 1.45 -52.38 -1.53
CA TYR A 54 0.74 -52.58 -0.29
C TYR A 54 -0.73 -52.86 -0.61
N GLY A 55 -1.36 -53.70 0.20
CA GLY A 55 -2.75 -54.01 -0.01
C GLY A 55 -3.62 -52.77 -0.03
N ASN A 56 -4.61 -52.74 -0.92
CA ASN A 56 -5.47 -51.56 -1.05
C ASN A 56 -6.15 -51.24 0.28
N SER A 57 -5.76 -50.13 0.90
CA SER A 57 -6.31 -49.74 2.18
C SER A 57 -6.12 -48.24 2.35
N LEU A 58 -6.89 -47.67 3.28
CA LEU A 58 -6.85 -46.24 3.53
C LEU A 58 -5.77 -45.83 4.52
N LEU A 59 -5.09 -46.79 5.17
CA LEU A 59 -4.11 -46.43 6.19
C LEU A 59 -2.93 -45.68 5.59
N LEU A 60 -2.31 -46.24 4.56
CA LEU A 60 -1.15 -45.59 3.96
C LEU A 60 -1.54 -44.27 3.30
N THR A 61 -2.69 -44.23 2.63
CA THR A 61 -3.14 -42.99 2.01
C THR A 61 -3.37 -41.90 3.06
N ALA A 62 -4.03 -42.26 4.17
CA ALA A 62 -4.27 -41.28 5.22
C ALA A 62 -2.97 -40.79 5.82
N VAL A 63 -2.03 -41.69 6.08
CA VAL A 63 -0.75 -41.27 6.65
C VAL A 63 -0.02 -40.35 5.69
N TYR A 64 0.00 -40.69 4.40
CA TYR A 64 0.66 -39.86 3.41
C TYR A 64 0.04 -38.47 3.36
N GLY A 65 -1.29 -38.40 3.29
CA GLY A 65 -1.95 -37.10 3.23
C GLY A 65 -1.70 -36.26 4.46
N LEU A 66 -1.82 -36.86 5.64
CA LEU A 66 -1.62 -36.12 6.88
C LEU A 66 -0.20 -35.59 6.98
N VAL A 67 0.78 -36.45 6.67
CA VAL A 67 2.18 -36.03 6.74
C VAL A 67 2.44 -34.88 5.78
N VAL A 68 1.96 -35.02 4.54
CA VAL A 68 2.17 -33.97 3.55
C VAL A 68 1.57 -32.66 4.02
N ALA A 69 0.34 -32.70 4.52
CA ALA A 69 -0.34 -31.47 4.92
C ALA A 69 0.39 -30.78 6.07
N GLY A 70 0.65 -31.51 7.16
CA GLY A 70 1.28 -30.89 8.32
C GLY A 70 2.66 -30.35 8.02
N SER A 71 3.46 -31.15 7.29
CA SER A 71 4.77 -30.66 6.87
C SER A 71 4.62 -29.38 6.06
N VAL A 72 3.66 -29.35 5.14
CA VAL A 72 3.49 -28.17 4.31
C VAL A 72 3.22 -26.95 5.19
N LEU A 73 2.28 -27.06 6.13
CA LEU A 73 2.02 -25.90 6.99
C LEU A 73 3.29 -25.40 7.66
N VAL A 74 3.88 -26.23 8.53
CA VAL A 74 4.94 -25.73 9.40
C VAL A 74 6.17 -25.37 8.57
N LEU A 75 6.70 -26.34 7.84
CA LEU A 75 7.91 -26.09 7.08
C LEU A 75 7.67 -25.09 5.96
N GLY A 76 6.43 -24.81 5.57
CA GLY A 76 6.19 -23.85 4.53
C GLY A 76 6.35 -22.45 5.06
N ALA A 77 5.82 -22.20 6.27
CA ALA A 77 6.15 -20.92 6.91
C ALA A 77 7.65 -20.75 7.04
N ILE A 78 8.34 -21.80 7.51
CA ILE A 78 9.78 -21.69 7.73
C ILE A 78 10.53 -21.43 6.43
N ILE A 79 10.19 -22.16 5.36
CA ILE A 79 10.96 -22.02 4.13
C ILE A 79 10.61 -20.73 3.42
N GLY A 80 9.39 -20.20 3.60
CA GLY A 80 9.13 -18.86 3.12
C GLY A 80 10.04 -17.86 3.78
N ASP A 81 10.21 -17.97 5.10
CA ASP A 81 11.15 -17.08 5.78
C ASP A 81 12.57 -17.26 5.24
N TRP A 82 12.98 -18.51 5.00
CA TRP A 82 14.33 -18.76 4.51
C TRP A 82 14.54 -18.15 3.12
N VAL A 83 13.56 -18.31 2.24
CA VAL A 83 13.67 -17.74 0.90
C VAL A 83 13.75 -16.23 0.97
N ASP A 84 13.01 -15.64 1.88
CA ASP A 84 13.01 -14.18 1.96
C ASP A 84 14.35 -13.59 2.45
N LYS A 85 15.43 -14.35 2.68
CA LYS A 85 16.61 -13.77 3.30
C LYS A 85 17.91 -14.20 2.63
N ASN A 86 17.86 -14.71 1.40
CA ASN A 86 19.05 -15.16 0.69
C ASN A 86 19.01 -14.64 -0.73
N ALA A 87 20.08 -14.90 -1.48
CA ALA A 87 20.12 -14.54 -2.89
C ALA A 87 19.13 -15.39 -3.66
N ARG A 88 18.95 -15.08 -4.95
CA ARG A 88 17.94 -15.73 -5.77
C ARG A 88 18.46 -16.97 -6.50
N LEU A 89 19.57 -16.83 -7.21
CA LEU A 89 20.11 -17.98 -7.95
C LEU A 89 20.44 -19.12 -7.01
N LYS A 90 21.01 -18.80 -5.85
CA LYS A 90 21.40 -19.82 -4.88
C LYS A 90 20.19 -20.63 -4.43
N VAL A 91 19.15 -19.92 -4.02
CA VAL A 91 17.92 -20.60 -3.52
C VAL A 91 17.33 -21.46 -4.64
N ALA A 92 17.15 -20.92 -5.84
CA ALA A 92 16.50 -21.69 -6.92
C ALA A 92 17.30 -22.97 -7.19
N GLN A 93 18.60 -22.82 -7.42
CA GLN A 93 19.43 -24.00 -7.76
C GLN A 93 19.33 -25.01 -6.62
N THR A 94 19.44 -24.56 -5.37
CA THR A 94 19.38 -25.47 -4.21
C THR A 94 18.06 -26.26 -4.27
N SER A 95 16.94 -25.56 -4.37
CA SER A 95 15.63 -26.24 -4.40
C SER A 95 15.62 -27.29 -5.51
N LEU A 96 16.02 -26.89 -6.72
CA LEU A 96 15.96 -27.87 -7.85
C LEU A 96 16.77 -29.11 -7.49
N VAL A 97 18.03 -28.93 -7.11
CA VAL A 97 18.88 -30.13 -6.86
C VAL A 97 18.19 -30.98 -5.79
N VAL A 98 17.77 -30.38 -4.67
CA VAL A 98 17.19 -31.19 -3.57
C VAL A 98 16.03 -32.01 -4.15
N GLN A 99 15.05 -31.35 -4.77
CA GLN A 99 13.87 -32.11 -5.25
C GLN A 99 14.33 -33.26 -6.15
N ASN A 100 15.14 -32.96 -7.16
CA ASN A 100 15.48 -34.05 -8.12
C ASN A 100 16.19 -35.20 -7.40
N VAL A 101 17.16 -34.92 -6.53
CA VAL A 101 17.92 -36.03 -5.89
C VAL A 101 16.95 -36.84 -5.02
N SER A 102 16.08 -36.16 -4.28
CA SER A 102 15.07 -36.88 -3.47
C SER A 102 14.31 -37.84 -4.39
N VAL A 103 13.73 -37.33 -5.48
CA VAL A 103 12.92 -38.20 -6.37
C VAL A 103 13.77 -39.41 -6.79
N ILE A 104 14.98 -39.18 -7.32
CA ILE A 104 15.78 -40.33 -7.82
C ILE A 104 15.97 -41.38 -6.72
N LEU A 105 16.47 -40.97 -5.55
CA LEU A 105 16.76 -41.95 -4.47
C LEU A 105 15.48 -42.70 -4.09
N CYS A 106 14.38 -41.96 -3.94
CA CYS A 106 13.10 -42.61 -3.52
C CYS A 106 12.75 -43.69 -4.54
N GLY A 107 12.78 -43.37 -5.83
CA GLY A 107 12.43 -44.35 -6.88
C GLY A 107 13.37 -45.55 -6.85
N ILE A 108 14.67 -45.31 -6.68
CA ILE A 108 15.64 -46.44 -6.58
C ILE A 108 15.19 -47.36 -5.44
N ILE A 109 14.97 -46.81 -4.24
CA ILE A 109 14.62 -47.66 -3.07
C ILE A 109 13.33 -48.41 -3.39
N LEU A 110 12.36 -47.72 -3.99
CA LEU A 110 11.06 -48.35 -4.31
C LEU A 110 11.34 -49.59 -5.17
N MET A 111 12.04 -49.42 -6.29
CA MET A 111 12.25 -50.57 -7.21
C MET A 111 13.02 -51.67 -6.46
N MET A 112 14.03 -51.31 -5.68
CA MET A 112 14.86 -52.33 -4.99
C MET A 112 13.98 -53.17 -4.04
N VAL A 113 13.05 -52.54 -3.32
CA VAL A 113 12.12 -53.29 -2.43
C VAL A 113 11.19 -54.13 -3.30
N PHE A 114 10.59 -53.53 -4.33
CA PHE A 114 9.72 -54.28 -5.26
C PHE A 114 10.45 -55.58 -5.62
N LEU A 115 11.77 -55.50 -5.73
CA LEU A 115 12.59 -56.73 -6.00
C LEU A 115 12.58 -57.63 -4.76
N HIS A 116 13.35 -57.28 -3.72
CA HIS A 116 13.45 -58.18 -2.57
C HIS A 116 12.27 -57.91 -1.64
N LYS A 117 11.12 -58.48 -2.00
CA LYS A 117 9.90 -58.29 -1.21
C LYS A 117 9.63 -59.46 -0.27
N HIS A 118 9.53 -60.67 -0.82
CA HIS A 118 9.18 -61.82 0.01
C HIS A 118 10.32 -62.21 0.93
N GLU A 119 11.55 -62.22 0.41
CA GLU A 119 12.71 -62.54 1.24
C GLU A 119 12.87 -61.55 2.39
N LEU A 120 12.69 -60.26 2.09
CA LEU A 120 12.80 -59.25 3.14
C LEU A 120 11.63 -59.31 4.11
N LEU A 121 10.45 -59.72 3.64
CA LEU A 121 9.32 -59.94 4.53
C LEU A 121 9.59 -61.06 5.51
N THR A 122 10.14 -62.18 5.02
CA THR A 122 10.44 -63.30 5.90
C THR A 122 11.59 -62.96 6.86
N MET A 123 12.45 -62.03 6.48
CA MET A 123 13.58 -61.65 7.33
C MET A 123 13.07 -60.99 8.61
N TYR A 124 13.64 -61.39 9.73
CA TYR A 124 13.28 -60.86 11.07
C TYR A 124 11.79 -61.12 11.28
N HIS A 125 11.07 -60.21 11.93
CA HIS A 125 9.65 -60.38 12.20
C HIS A 125 8.80 -59.42 11.37
N GLY A 126 9.27 -59.08 10.17
CA GLY A 126 8.56 -58.14 9.34
C GLY A 126 8.65 -56.71 9.82
N TRP A 127 9.62 -56.41 10.69
CA TRP A 127 9.78 -55.08 11.24
C TRP A 127 10.52 -54.12 10.32
N VAL A 128 10.99 -54.60 9.17
CA VAL A 128 11.69 -53.73 8.23
C VAL A 128 10.79 -53.20 7.13
N LEU A 129 9.65 -53.84 6.88
CA LEU A 129 8.68 -53.28 5.94
C LEU A 129 8.18 -51.91 6.41
N THR A 130 7.89 -51.79 7.71
CA THR A 130 7.46 -50.52 8.26
C THR A 130 8.55 -49.46 8.12
N SER A 131 9.80 -49.84 8.36
CA SER A 131 10.91 -48.91 8.19
C SER A 131 11.03 -48.44 6.75
N CYS A 132 10.86 -49.36 5.80
CA CYS A 132 10.93 -48.98 4.39
C CYS A 132 9.79 -48.05 4.00
N TYR A 133 8.58 -48.33 4.50
CA TYR A 133 7.46 -47.43 4.23
C TYR A 133 7.71 -46.05 4.83
N ILE A 134 8.29 -46.02 6.03
CA ILE A 134 8.64 -44.75 6.66
C ILE A 134 9.63 -43.98 5.81
N LEU A 135 10.64 -44.68 5.28
CA LEU A 135 11.63 -44.02 4.43
C LEU A 135 10.98 -43.45 3.18
N ILE A 136 10.11 -44.23 2.53
CA ILE A 136 9.45 -43.75 1.33
C ILE A 136 8.62 -42.51 1.64
N ILE A 137 7.86 -42.55 2.73
CA ILE A 137 7.01 -41.42 3.09
C ILE A 137 7.84 -40.19 3.36
N THR A 138 8.93 -40.35 4.12
CA THR A 138 9.77 -39.22 4.47
C THR A 138 10.40 -38.58 3.23
N ILE A 139 10.91 -39.40 2.32
CA ILE A 139 11.59 -38.85 1.15
C ILE A 139 10.58 -38.18 0.22
N ALA A 140 9.41 -38.78 0.05
CA ALA A 140 8.38 -38.12 -0.75
C ALA A 140 7.97 -36.78 -0.15
N ASN A 141 7.86 -36.72 1.18
CA ASN A 141 7.53 -35.47 1.84
C ASN A 141 8.61 -34.42 1.61
N ILE A 142 9.88 -34.83 1.68
CA ILE A 142 10.97 -33.89 1.43
C ILE A 142 10.89 -33.35 0.02
N ALA A 143 10.63 -34.23 -0.96
CA ALA A 143 10.53 -33.78 -2.34
C ALA A 143 9.37 -32.81 -2.52
N ASN A 144 8.23 -33.09 -1.88
CA ASN A 144 7.10 -32.18 -1.97
C ASN A 144 7.42 -30.81 -1.38
N LEU A 145 8.13 -30.80 -0.24
CA LEU A 145 8.51 -29.52 0.36
C LEU A 145 9.42 -28.73 -0.56
N ALA A 146 10.41 -29.39 -1.17
CA ALA A 146 11.30 -28.69 -2.08
C ALA A 146 10.54 -28.15 -3.29
N SER A 147 9.59 -28.94 -3.81
CA SER A 147 8.79 -28.49 -4.93
C SER A 147 7.96 -27.26 -4.57
N THR A 148 7.37 -27.26 -3.37
CA THR A 148 6.63 -26.09 -2.93
C THR A 148 7.52 -24.86 -2.86
N ALA A 149 8.71 -25.01 -2.27
CA ALA A 149 9.61 -23.88 -2.13
C ALA A 149 9.99 -23.31 -3.50
N THR A 150 10.42 -24.18 -4.42
CA THR A 150 10.83 -23.69 -5.73
C THR A 150 9.66 -23.06 -6.48
N ALA A 151 8.46 -23.63 -6.34
CA ALA A 151 7.30 -23.07 -7.02
C ALA A 151 7.05 -21.64 -6.55
N ILE A 152 6.97 -21.44 -5.23
CA ILE A 152 6.65 -20.09 -4.76
C ILE A 152 7.74 -19.11 -5.13
N THR A 153 9.02 -19.49 -4.94
CA THR A 153 10.07 -18.52 -5.22
C THR A 153 10.11 -18.16 -6.70
N ILE A 154 10.17 -19.16 -7.57
CA ILE A 154 10.22 -18.89 -9.01
C ILE A 154 9.03 -18.04 -9.41
N GLN A 155 7.81 -18.57 -9.23
CA GLN A 155 6.64 -17.88 -9.72
C GLN A 155 6.60 -16.46 -9.17
N ARG A 156 6.42 -16.31 -7.86
CA ARG A 156 6.24 -14.96 -7.33
C ARG A 156 7.41 -14.05 -7.68
N ASP A 157 8.60 -14.35 -7.13
CA ASP A 157 9.69 -13.38 -7.23
C ASP A 157 10.10 -13.16 -8.68
N TRP A 158 10.41 -14.25 -9.40
CA TRP A 158 11.01 -14.09 -10.71
C TRP A 158 9.99 -13.57 -11.72
N ILE A 159 8.74 -14.03 -11.66
CA ILE A 159 7.75 -13.49 -12.59
C ILE A 159 7.54 -12.01 -12.34
N VAL A 160 7.44 -11.60 -11.06
CA VAL A 160 7.23 -10.19 -10.78
C VAL A 160 8.39 -9.35 -11.27
N VAL A 161 9.62 -9.82 -11.05
CA VAL A 161 10.78 -9.03 -11.47
C VAL A 161 10.89 -8.98 -12.99
N VAL A 162 10.68 -10.11 -13.66
CA VAL A 162 10.85 -10.16 -15.11
C VAL A 162 9.79 -9.31 -15.80
N ALA A 163 8.55 -9.37 -15.33
CA ALA A 163 7.50 -8.57 -15.94
C ALA A 163 7.81 -7.08 -15.87
N GLY A 164 8.57 -6.66 -14.88
CA GLY A 164 8.99 -5.28 -14.78
C GLY A 164 7.89 -4.35 -14.29
N GLU A 165 7.52 -3.38 -15.11
CA GLU A 165 6.54 -2.38 -14.74
C GLU A 165 5.19 -2.57 -15.41
N ASP A 166 5.14 -3.25 -16.56
CA ASP A 166 3.89 -3.49 -17.25
C ASP A 166 2.99 -4.40 -16.44
N ARG A 167 1.70 -4.11 -16.47
CA ARG A 167 0.71 -4.94 -15.79
C ARG A 167 0.05 -5.95 -16.72
N SER A 168 -0.06 -5.63 -18.01
CA SER A 168 -0.61 -6.60 -18.96
C SER A 168 0.31 -7.80 -19.11
N LYS A 169 1.62 -7.57 -19.12
CA LYS A 169 2.57 -8.67 -19.24
C LYS A 169 2.44 -9.65 -18.09
N LEU A 170 2.27 -9.12 -16.87
CA LEU A 170 2.10 -10.00 -15.71
C LEU A 170 0.87 -10.89 -15.86
N ALA A 171 -0.24 -10.30 -16.33
CA ALA A 171 -1.45 -11.08 -16.52
C ALA A 171 -1.25 -12.17 -17.56
N ASN A 172 -0.60 -11.82 -18.68
CA ASN A 172 -0.37 -12.82 -19.72
C ASN A 172 0.53 -13.95 -19.20
N MET A 173 1.56 -13.60 -18.44
CA MET A 173 2.44 -14.63 -17.88
C MET A 173 1.69 -15.56 -16.95
N ASN A 174 0.86 -15.00 -16.07
CA ASN A 174 0.08 -15.84 -15.15
C ASN A 174 -0.87 -16.75 -15.92
N ALA A 175 -1.55 -16.21 -16.94
CA ALA A 175 -2.47 -17.02 -17.72
C ALA A 175 -1.75 -18.15 -18.43
N THR A 176 -0.59 -17.86 -19.02
CA THR A 176 0.16 -18.91 -19.70
C THR A 176 0.62 -19.99 -18.73
N ILE A 177 1.07 -19.59 -17.54
CA ILE A 177 1.47 -20.57 -16.54
C ILE A 177 0.29 -21.47 -16.19
N ARG A 178 -0.88 -20.89 -15.99
CA ARG A 178 -2.05 -21.70 -15.65
C ARG A 178 -2.42 -22.66 -16.78
N ARG A 179 -2.36 -22.20 -18.03
CA ARG A 179 -2.67 -23.08 -19.15
C ARG A 179 -1.70 -24.23 -19.23
N ILE A 180 -0.40 -23.96 -19.03
CA ILE A 180 0.59 -25.03 -19.04
C ILE A 180 0.30 -26.04 -17.94
N ASP A 181 -0.03 -25.54 -16.75
CA ASP A 181 -0.33 -26.44 -15.64
C ASP A 181 -1.52 -27.33 -15.97
N GLN A 182 -2.58 -26.76 -16.54
CA GLN A 182 -3.76 -27.54 -16.85
C GLN A 182 -3.47 -28.61 -17.89
N LEU A 183 -2.76 -28.23 -18.96
CA LEU A 183 -2.45 -29.21 -20.00
C LEU A 183 -1.57 -30.32 -19.47
N THR A 184 -0.56 -30.00 -18.66
CA THR A 184 0.29 -31.03 -18.10
C THR A 184 -0.50 -31.95 -17.18
N ASN A 185 -1.37 -31.37 -16.35
CA ASN A 185 -2.17 -32.18 -15.43
C ASN A 185 -3.06 -33.16 -16.19
N ILE A 186 -3.62 -32.72 -17.32
CA ILE A 186 -4.45 -33.64 -18.09
C ILE A 186 -3.60 -34.70 -18.78
N LEU A 187 -2.45 -34.31 -19.33
CA LEU A 187 -1.73 -35.17 -20.27
C LEU A 187 -0.80 -36.17 -19.59
N ALA A 188 -0.02 -35.72 -18.60
CA ALA A 188 1.06 -36.56 -18.08
C ALA A 188 0.58 -37.89 -17.49
N PRO A 189 -0.46 -37.95 -16.64
CA PRO A 189 -0.87 -39.26 -16.11
C PRO A 189 -1.25 -40.26 -17.18
N MET A 190 -1.90 -39.80 -18.26
CA MET A 190 -2.28 -40.73 -19.32
C MET A 190 -1.06 -41.35 -19.97
N ALA A 191 -0.06 -40.53 -20.31
CA ALA A 191 1.14 -41.05 -20.96
C ALA A 191 1.91 -41.97 -20.03
N VAL A 192 2.05 -41.60 -18.76
CA VAL A 192 2.80 -42.45 -17.85
C VAL A 192 2.07 -43.76 -17.59
N GLY A 193 0.73 -43.73 -17.53
CA GLY A 193 0.00 -44.97 -17.40
C GLY A 193 0.12 -45.85 -18.62
N GLN A 194 0.13 -45.25 -19.80
CA GLN A 194 0.32 -46.03 -21.02
C GLN A 194 1.69 -46.70 -21.03
N ILE A 195 2.75 -45.96 -20.67
CA ILE A 195 4.08 -46.55 -20.69
C ILE A 195 4.22 -47.59 -19.59
N MET A 196 3.49 -47.42 -18.47
CA MET A 196 3.50 -48.44 -17.42
C MET A 196 2.84 -49.72 -17.90
N THR A 197 1.64 -49.60 -18.47
CA THR A 197 0.89 -50.79 -18.88
C THR A 197 1.46 -51.46 -20.12
N PHE A 198 2.26 -50.75 -20.91
CA PHE A 198 2.88 -51.35 -22.07
C PHE A 198 4.20 -52.03 -21.76
N GLY A 199 4.64 -51.99 -20.50
CA GLY A 199 5.90 -52.62 -20.14
C GLY A 199 5.89 -53.25 -18.77
N SER A 200 6.93 -52.96 -17.99
CA SER A 200 7.17 -53.52 -16.68
C SER A 200 7.45 -52.37 -15.71
N PRO A 201 7.28 -52.59 -14.41
CA PRO A 201 7.64 -51.54 -13.45
C PRO A 201 9.08 -51.08 -13.58
N VAL A 202 9.98 -51.95 -14.04
CA VAL A 202 11.36 -51.52 -14.28
C VAL A 202 11.39 -50.42 -15.32
N ILE A 203 10.57 -50.54 -16.37
CA ILE A 203 10.51 -49.50 -17.39
C ILE A 203 10.05 -48.19 -16.78
N GLY A 204 8.98 -48.25 -15.98
CA GLY A 204 8.43 -47.04 -15.40
C GLY A 204 9.41 -46.33 -14.48
N CYS A 205 10.02 -47.09 -13.56
CA CYS A 205 10.92 -46.47 -12.59
C CYS A 205 12.19 -45.95 -13.26
N GLY A 206 12.77 -46.73 -14.17
CA GLY A 206 13.93 -46.22 -14.90
C GLY A 206 13.61 -44.97 -15.68
N PHE A 207 12.44 -44.95 -16.33
CA PHE A 207 12.04 -43.78 -17.08
C PHE A 207 11.90 -42.56 -16.17
N ILE A 208 11.26 -42.73 -15.02
CA ILE A 208 11.08 -41.61 -14.10
C ILE A 208 12.43 -41.08 -13.65
N SER A 209 13.34 -41.97 -13.26
CA SER A 209 14.63 -41.53 -12.74
C SER A 209 15.45 -40.81 -13.81
N GLY A 210 15.55 -41.42 -15.00
CA GLY A 210 16.33 -40.79 -16.05
C GLY A 210 15.75 -39.46 -16.48
N TRP A 211 14.42 -39.39 -16.61
CA TRP A 211 13.79 -38.13 -16.98
C TRP A 211 14.07 -37.06 -15.95
N ASN A 212 13.98 -37.40 -14.66
CA ASN A 212 14.23 -36.41 -13.63
C ASN A 212 15.67 -35.93 -13.65
N LEU A 213 16.63 -36.84 -13.89
CA LEU A 213 18.03 -36.42 -13.96
C LEU A 213 18.27 -35.46 -15.12
N VAL A 214 17.79 -35.82 -16.31
CA VAL A 214 18.00 -34.96 -17.47
C VAL A 214 17.31 -33.61 -17.27
N SER A 215 16.11 -33.64 -16.68
CA SER A 215 15.41 -32.39 -16.39
C SER A 215 16.22 -31.54 -15.41
N MET A 216 16.85 -32.17 -14.42
CA MET A 216 17.70 -31.43 -13.49
C MET A 216 18.76 -30.66 -14.26
N CYS A 217 19.49 -31.34 -15.13
CA CYS A 217 20.57 -30.68 -15.86
C CYS A 217 20.04 -29.53 -16.72
N VAL A 218 19.00 -29.80 -17.51
CA VAL A 218 18.50 -28.80 -18.45
C VAL A 218 17.93 -27.60 -17.70
N GLU A 219 17.17 -27.83 -16.63
CA GLU A 219 16.60 -26.74 -15.86
C GLU A 219 17.67 -25.91 -15.18
N TYR A 220 18.73 -26.56 -14.71
CA TYR A 220 19.86 -25.81 -14.15
C TYR A 220 20.41 -24.83 -15.17
N VAL A 221 20.67 -25.33 -16.38
CA VAL A 221 21.24 -24.46 -17.42
C VAL A 221 20.27 -23.33 -17.75
N LEU A 222 18.98 -23.65 -17.86
CA LEU A 222 17.99 -22.65 -18.22
C LEU A 222 17.87 -21.56 -17.15
N LEU A 223 17.89 -21.95 -15.88
CA LEU A 223 17.83 -20.95 -14.82
C LEU A 223 19.05 -20.04 -14.84
N TRP A 224 20.24 -20.62 -15.06
CA TRP A 224 21.42 -19.79 -15.17
C TRP A 224 21.30 -18.80 -16.33
N LYS A 225 20.79 -19.26 -17.47
CA LYS A 225 20.66 -18.39 -18.62
C LYS A 225 19.68 -17.26 -18.36
N VAL A 226 18.54 -17.57 -17.73
CA VAL A 226 17.56 -16.53 -17.43
C VAL A 226 18.14 -15.51 -16.47
N TYR A 227 18.85 -15.97 -15.45
CA TYR A 227 19.47 -15.03 -14.51
C TYR A 227 20.47 -14.14 -15.23
N GLN A 228 21.26 -14.70 -16.14
CA GLN A 228 22.22 -13.89 -16.88
C GLN A 228 21.52 -12.85 -17.75
N LYS A 229 20.40 -13.24 -18.37
CA LYS A 229 19.73 -12.33 -19.31
C LYS A 229 19.17 -11.11 -18.61
N THR A 230 18.59 -11.28 -17.42
CA THR A 230 17.96 -10.18 -16.71
C THR A 230 18.89 -9.64 -15.65
N PRO A 231 19.42 -8.42 -15.78
CA PRO A 231 20.35 -7.90 -14.78
C PRO A 231 19.69 -7.34 -13.54
N ALA A 232 18.37 -7.16 -13.54
CA ALA A 232 17.68 -6.59 -12.38
C ALA A 232 17.45 -7.61 -11.28
N LEU A 233 17.67 -8.90 -11.54
CA LEU A 233 17.48 -9.91 -10.52
C LEU A 233 18.59 -9.93 -9.48
N ALA A 234 19.78 -9.46 -9.83
CA ALA A 234 20.90 -9.49 -8.90
C ALA A 234 20.66 -8.60 -7.69
N VAL A 235 20.13 -7.39 -7.91
CA VAL A 235 19.89 -6.49 -6.79
C VAL A 235 18.70 -6.98 -5.98
N LYS A 236 18.70 -6.63 -4.69
CA LYS A 236 17.61 -7.02 -3.81
C LYS A 236 17.56 -6.06 -2.64
N ALA A 237 16.45 -5.34 -2.52
CA ALA A 237 16.30 -4.35 -1.46
C ALA A 237 16.26 -5.03 -0.10
N GLY A 238 16.79 -4.35 0.90
CA GLY A 238 16.84 -4.85 2.25
C GLY A 238 18.08 -5.65 2.60
N LEU A 239 18.97 -5.89 1.65
CA LEU A 239 20.19 -6.63 1.91
C LEU A 239 21.43 -5.79 1.58
N CYS A 284 20.53 -25.67 22.34
CA CYS A 284 19.32 -26.38 21.95
C CYS A 284 18.08 -25.52 22.20
N ALA A 285 18.12 -24.73 23.27
CA ALA A 285 16.99 -23.86 23.60
C ALA A 285 16.78 -22.81 22.53
N SER A 286 17.85 -22.09 22.16
CA SER A 286 17.73 -21.08 21.12
C SER A 286 17.53 -21.71 19.74
N GLN A 287 18.17 -22.86 19.51
CA GLN A 287 18.04 -23.54 18.22
C GLN A 287 16.60 -23.97 17.96
N MET A 288 15.83 -24.19 19.02
CA MET A 288 14.41 -24.49 18.87
C MET A 288 13.53 -23.24 19.02
N ALA A 289 14.03 -22.21 19.69
CA ALA A 289 13.22 -21.00 19.87
C ALA A 289 13.17 -20.15 18.61
N GLU A 290 14.28 -20.11 17.85
CA GLU A 290 14.29 -19.29 16.64
C GLU A 290 13.23 -19.70 15.63
N PRO A 291 13.03 -20.99 15.31
CA PRO A 291 11.93 -21.33 14.40
C PRO A 291 10.57 -20.89 14.91
N PHE A 292 10.35 -20.98 16.22
N PHE A 292 10.35 -20.98 16.22
CA PHE A 292 9.07 -20.53 16.77
CA PHE A 292 9.06 -20.54 16.78
C PHE A 292 8.88 -19.03 16.60
C PHE A 292 8.89 -19.03 16.59
N ARG A 293 9.94 -18.26 16.83
CA ARG A 293 9.86 -16.82 16.63
C ARG A 293 9.56 -16.48 15.18
N THR A 294 10.23 -17.15 14.25
CA THR A 294 9.94 -16.89 12.83
C THR A 294 8.51 -17.27 12.48
N PHE A 295 8.04 -18.41 12.99
CA PHE A 295 6.67 -18.85 12.72
C PHE A 295 5.65 -17.83 13.21
N ARG A 296 5.80 -17.41 14.47
CA ARG A 296 4.84 -16.46 15.04
C ARG A 296 4.89 -15.12 14.30
N ASP A 297 6.10 -14.63 14.00
CA ASP A 297 6.22 -13.35 13.31
C ASP A 297 5.59 -13.42 11.93
N GLY A 298 5.83 -14.52 11.20
CA GLY A 298 5.23 -14.65 9.88
C GLY A 298 3.72 -14.67 9.94
N TRP A 299 3.15 -15.42 10.89
CA TRP A 299 1.69 -15.49 10.94
C TRP A 299 1.07 -14.15 11.33
N VAL A 300 1.66 -13.45 12.31
CA VAL A 300 1.08 -12.17 12.69
C VAL A 300 1.27 -11.14 11.58
N SER A 301 2.36 -11.23 10.82
CA SER A 301 2.54 -10.32 9.69
C SER A 301 1.50 -10.59 8.62
N TYR A 302 1.19 -11.86 8.37
CA TYR A 302 0.16 -12.20 7.41
C TYR A 302 -1.20 -11.67 7.86
N TYR A 303 -1.49 -11.77 9.15
CA TYR A 303 -2.79 -11.33 9.65
C TYR A 303 -2.98 -9.83 9.50
N ASN A 304 -1.91 -9.05 9.54
CA ASN A 304 -2.00 -7.60 9.54
C ASN A 304 -1.95 -7.00 8.13
N GLN A 305 -1.82 -7.81 7.10
CA GLN A 305 -1.75 -7.27 5.75
C GLN A 305 -3.10 -6.70 5.33
N PRO A 306 -3.11 -5.63 4.53
CA PRO A 306 -4.39 -5.07 4.07
C PRO A 306 -5.12 -5.94 3.06
N VAL A 307 -4.48 -6.96 2.50
CA VAL A 307 -5.13 -7.85 1.55
C VAL A 307 -5.40 -9.18 2.23
N PHE A 308 -5.58 -9.14 3.55
CA PHE A 308 -5.77 -10.37 4.32
C PHE A 308 -7.04 -11.10 3.90
N LEU A 309 -8.12 -10.36 3.65
CA LEU A 309 -9.41 -10.99 3.37
C LEU A 309 -9.42 -11.69 2.03
N ALA A 310 -8.69 -11.19 1.03
CA ALA A 310 -8.66 -11.84 -0.27
C ALA A 310 -8.01 -13.21 -0.18
N GLY A 311 -6.83 -13.29 0.43
CA GLY A 311 -6.21 -14.58 0.64
C GLY A 311 -7.02 -15.48 1.54
N MET A 312 -7.69 -14.90 2.53
CA MET A 312 -8.64 -15.64 3.36
C MET A 312 -9.69 -16.34 2.52
N GLY A 313 -10.34 -15.58 1.62
CA GLY A 313 -11.36 -16.18 0.77
C GLY A 313 -10.81 -17.23 -0.18
N LEU A 314 -9.63 -16.96 -0.74
CA LEU A 314 -9.03 -17.95 -1.64
C LEU A 314 -8.75 -19.25 -0.88
N ALA A 315 -8.23 -19.15 0.34
CA ALA A 315 -8.00 -20.36 1.13
C ALA A 315 -9.30 -21.08 1.44
N PHE A 316 -10.35 -20.32 1.79
CA PHE A 316 -11.64 -20.94 2.07
C PHE A 316 -12.20 -21.65 0.86
N LEU A 317 -11.86 -21.19 -0.33
CA LEU A 317 -12.35 -21.80 -1.56
C LEU A 317 -11.73 -23.16 -1.84
N TYR A 318 -10.93 -23.74 -0.94
CA TYR A 318 -10.17 -24.95 -1.26
C TYR A 318 -10.81 -26.23 -0.75
N MET A 319 -11.69 -26.16 0.24
CA MET A 319 -12.33 -27.36 0.78
C MET A 319 -13.65 -27.55 0.04
N THR A 320 -13.71 -28.61 -0.76
CA THR A 320 -14.87 -28.92 -1.59
C THR A 320 -14.80 -30.37 -2.02
N VAL A 321 -15.97 -30.94 -2.33
CA VAL A 321 -16.04 -32.20 -3.04
C VAL A 321 -16.47 -32.01 -4.48
N LEU A 322 -16.72 -30.77 -4.89
CA LEU A 322 -17.22 -30.48 -6.24
C LEU A 322 -16.04 -30.21 -7.19
N GLY A 323 -15.17 -31.20 -7.29
CA GLY A 323 -14.04 -31.12 -8.19
C GLY A 323 -13.68 -32.50 -8.72
N PHE A 324 -13.16 -32.56 -9.95
CA PHE A 324 -12.76 -33.84 -10.52
C PHE A 324 -11.63 -34.44 -9.70
N ASP A 325 -11.93 -35.51 -8.97
CA ASP A 325 -11.00 -36.06 -8.00
C ASP A 325 -11.42 -37.49 -7.70
N CYS A 326 -10.58 -38.20 -6.96
CA CYS A 326 -10.80 -39.62 -6.69
C CYS A 326 -12.19 -39.86 -6.09
N ILE A 327 -12.64 -38.96 -5.21
CA ILE A 327 -13.95 -39.14 -4.57
C ILE A 327 -15.07 -38.99 -5.61
N THR A 328 -14.98 -37.96 -6.44
CA THR A 328 -16.01 -37.74 -7.45
C THR A 328 -16.03 -38.87 -8.47
N THR A 329 -14.85 -39.34 -8.89
CA THR A 329 -14.78 -40.46 -9.81
C THR A 329 -15.34 -41.73 -9.18
N GLY A 330 -15.06 -41.95 -7.90
CA GLY A 330 -15.63 -43.10 -7.22
C GLY A 330 -17.14 -43.04 -7.16
N TYR A 331 -17.68 -41.86 -6.88
CA TYR A 331 -19.13 -41.69 -6.88
C TYR A 331 -19.72 -41.95 -8.26
N ALA A 332 -19.04 -41.46 -9.31
CA ALA A 332 -19.52 -41.68 -10.66
C ALA A 332 -19.51 -43.16 -11.01
N TYR A 333 -18.44 -43.87 -10.61
CA TYR A 333 -18.39 -45.32 -10.85
C TYR A 333 -19.48 -46.03 -10.09
N THR A 334 -19.78 -45.59 -8.86
CA THR A 334 -20.90 -46.14 -8.13
C THR A 334 -22.21 -45.92 -8.90
N GLN A 335 -22.35 -44.77 -9.54
CA GLN A 335 -23.48 -44.51 -10.42
C GLN A 335 -23.33 -45.20 -11.78
N GLY A 336 -22.16 -45.74 -12.10
CA GLY A 336 -21.98 -46.48 -13.33
C GLY A 336 -21.93 -45.60 -14.57
N LEU A 337 -20.88 -44.80 -14.70
CA LEU A 337 -20.74 -43.87 -15.82
C LEU A 337 -19.58 -44.21 -16.75
N SER A 338 -19.05 -45.44 -16.68
CA SER A 338 -18.03 -45.91 -17.61
C SER A 338 -16.74 -45.10 -17.51
N GLY A 339 -15.78 -45.39 -18.39
CA GLY A 339 -14.50 -44.70 -18.39
C GLY A 339 -14.34 -43.69 -19.51
N SER A 340 -14.87 -44.02 -20.69
CA SER A 340 -14.78 -43.10 -21.82
C SER A 340 -15.51 -41.80 -21.53
N ILE A 341 -16.69 -41.89 -20.91
CA ILE A 341 -17.42 -40.68 -20.53
C ILE A 341 -16.61 -39.88 -19.51
N LEU A 342 -15.91 -40.57 -18.61
CA LEU A 342 -15.06 -39.88 -17.65
C LEU A 342 -13.94 -39.12 -18.36
N SER A 343 -13.33 -39.74 -19.36
CA SER A 343 -12.29 -39.05 -20.13
C SER A 343 -12.85 -37.82 -20.84
N ILE A 344 -14.04 -37.96 -21.44
CA ILE A 344 -14.66 -36.83 -22.09
C ILE A 344 -14.92 -35.70 -21.09
N LEU A 345 -15.37 -36.05 -19.89
CA LEU A 345 -15.61 -35.04 -18.87
C LEU A 345 -14.32 -34.35 -18.46
N MET A 346 -13.22 -35.10 -18.34
CA MET A 346 -11.95 -34.47 -18.03
C MET A 346 -11.53 -33.51 -19.13
N GLY A 347 -11.73 -33.90 -20.39
CA GLY A 347 -11.44 -32.99 -21.49
C GLY A 347 -12.25 -31.71 -21.42
N ALA A 348 -13.55 -31.84 -21.12
CA ALA A 348 -14.39 -30.66 -20.98
C ALA A 348 -13.91 -29.78 -19.83
N SER A 349 -13.47 -30.39 -18.73
CA SER A 349 -12.94 -29.62 -17.60
C SER A 349 -11.72 -28.82 -18.01
N ALA A 350 -10.81 -29.44 -18.76
CA ALA A 350 -9.62 -28.72 -19.22
C ALA A 350 -10.01 -27.57 -20.13
N ILE A 351 -10.95 -27.80 -21.05
CA ILE A 351 -11.39 -26.74 -21.95
C ILE A 351 -11.95 -25.56 -21.17
N THR A 352 -12.78 -25.85 -20.15
CA THR A 352 -13.36 -24.76 -19.39
C THR A 352 -12.33 -24.03 -18.55
N GLY A 353 -11.30 -24.73 -18.05
CA GLY A 353 -10.24 -24.03 -17.36
C GLY A 353 -9.51 -23.04 -18.27
N ILE A 354 -9.20 -23.48 -19.49
CA ILE A 354 -8.56 -22.57 -20.45
C ILE A 354 -9.46 -21.38 -20.75
N MET A 355 -10.75 -21.64 -20.92
CA MET A 355 -11.71 -20.56 -21.17
C MET A 355 -11.73 -19.59 -20.01
N GLY A 356 -11.62 -20.09 -18.78
CA GLY A 356 -11.59 -19.22 -17.62
C GLY A 356 -10.37 -18.31 -17.61
N THR A 357 -9.21 -18.85 -17.97
CA THR A 357 -8.02 -18.00 -18.05
C THR A 357 -8.21 -16.89 -19.08
N VAL A 358 -8.74 -17.24 -20.25
CA VAL A 358 -8.96 -16.22 -21.29
C VAL A 358 -9.93 -15.15 -20.79
N ALA A 359 -11.01 -15.58 -20.15
CA ALA A 359 -11.99 -14.63 -19.64
C ALA A 359 -11.38 -13.70 -18.60
N PHE A 360 -10.52 -14.24 -17.73
CA PHE A 360 -9.87 -13.38 -16.74
C PHE A 360 -9.03 -12.31 -17.42
N THR A 361 -8.24 -12.71 -18.42
CA THR A 361 -7.41 -11.72 -19.10
C THR A 361 -8.28 -10.61 -19.69
N TRP A 362 -9.34 -10.98 -20.41
CA TRP A 362 -10.20 -9.99 -21.05
C TRP A 362 -10.85 -9.07 -20.01
N LEU A 363 -11.39 -9.65 -18.94
CA LEU A 363 -12.09 -8.84 -17.94
C LEU A 363 -11.14 -7.89 -17.24
N ARG A 364 -9.95 -8.35 -16.86
CA ARG A 364 -8.99 -7.47 -16.21
C ARG A 364 -8.59 -6.34 -17.14
N ARG A 365 -8.46 -6.61 -18.44
CA ARG A 365 -8.19 -5.53 -19.37
C ARG A 365 -9.34 -4.54 -19.43
N LYS A 366 -10.57 -5.03 -19.32
CA LYS A 366 -11.74 -4.17 -19.56
C LYS A 366 -12.21 -3.44 -18.31
N CYS A 367 -12.58 -4.18 -17.26
CA CYS A 367 -13.26 -3.59 -16.11
C CYS A 367 -12.29 -3.17 -15.01
N GLY A 368 -11.43 -4.06 -14.57
CA GLY A 368 -10.51 -3.78 -13.49
C GLY A 368 -10.12 -5.07 -12.79
N LEU A 369 -9.52 -4.92 -11.61
CA LEU A 369 -9.08 -6.08 -10.84
C LEU A 369 -10.12 -6.57 -9.84
N VAL A 370 -10.64 -5.67 -9.01
CA VAL A 370 -11.60 -6.09 -7.99
C VAL A 370 -12.89 -6.56 -8.63
N ARG A 371 -13.40 -5.81 -9.59
CA ARG A 371 -14.65 -6.18 -10.24
C ARG A 371 -14.54 -7.51 -10.97
N THR A 372 -13.35 -7.85 -11.46
CA THR A 372 -13.14 -9.16 -12.05
C THR A 372 -13.38 -10.26 -11.01
N GLY A 373 -12.87 -10.07 -9.79
CA GLY A 373 -13.12 -11.02 -8.73
C GLY A 373 -14.60 -11.13 -8.41
N LEU A 374 -15.30 -9.99 -8.37
CA LEU A 374 -16.74 -10.03 -8.12
C LEU A 374 -17.48 -10.83 -9.20
N ILE A 375 -17.14 -10.59 -10.46
CA ILE A 375 -17.81 -11.30 -11.55
C ILE A 375 -17.54 -12.79 -11.47
N SER A 376 -16.29 -13.18 -11.21
CA SER A 376 -15.95 -14.58 -11.10
C SER A 376 -16.70 -15.24 -9.96
N GLY A 377 -16.79 -14.56 -8.82
CA GLY A 377 -17.54 -15.11 -7.71
C GLY A 377 -19.00 -15.32 -8.02
N LEU A 378 -19.62 -14.34 -8.69
CA LEU A 378 -21.03 -14.48 -9.05
C LEU A 378 -21.24 -15.67 -9.98
N ALA A 379 -20.36 -15.82 -10.97
CA ALA A 379 -20.50 -16.93 -11.91
C ALA A 379 -20.40 -18.27 -11.19
N GLN A 380 -19.37 -18.42 -10.35
CA GLN A 380 -19.19 -19.68 -9.64
C GLN A 380 -20.37 -19.97 -8.72
N LEU A 381 -20.89 -18.95 -8.04
CA LEU A 381 -22.03 -19.16 -7.17
C LEU A 381 -23.26 -19.63 -7.94
N SER A 382 -23.52 -19.02 -9.10
CA SER A 382 -24.68 -19.46 -9.88
C SER A 382 -24.54 -20.91 -10.31
N CYS A 383 -23.34 -21.30 -10.75
CA CYS A 383 -23.15 -22.68 -11.19
C CYS A 383 -23.26 -23.66 -10.02
N LEU A 384 -22.76 -23.28 -8.85
CA LEU A 384 -22.95 -24.12 -7.66
C LEU A 384 -24.41 -24.25 -7.29
N ILE A 385 -25.21 -23.19 -7.49
CA ILE A 385 -26.64 -23.30 -7.24
C ILE A 385 -27.25 -24.32 -8.18
N LEU A 386 -26.85 -24.28 -9.44
CA LEU A 386 -27.33 -25.29 -10.39
C LEU A 386 -26.97 -26.69 -9.92
N CYS A 387 -25.75 -26.87 -9.41
CA CYS A 387 -25.34 -28.19 -8.91
C CYS A 387 -26.16 -28.60 -7.69
N VAL A 388 -26.45 -27.65 -6.81
CA VAL A 388 -27.20 -27.95 -5.58
C VAL A 388 -28.61 -28.40 -5.92
N ILE A 389 -29.22 -27.82 -6.97
CA ILE A 389 -30.56 -28.23 -7.38
C ILE A 389 -30.64 -29.74 -7.59
N SER A 390 -29.53 -30.36 -7.98
CA SER A 390 -29.55 -31.77 -8.35
C SER A 390 -29.86 -32.69 -7.18
N VAL A 391 -29.54 -32.28 -5.96
CA VAL A 391 -29.63 -33.19 -4.82
C VAL A 391 -31.09 -33.58 -4.57
N PHE A 392 -31.99 -32.61 -4.58
CA PHE A 392 -33.40 -32.87 -4.31
C PHE A 392 -34.16 -33.15 -5.61
N MET A 393 -33.67 -34.15 -6.32
CA MET A 393 -34.23 -34.56 -7.60
C MET A 393 -34.39 -36.07 -7.62
N PRO A 394 -35.31 -36.59 -8.44
CA PRO A 394 -35.46 -38.04 -8.53
C PRO A 394 -34.17 -38.71 -8.99
N GLY A 395 -33.92 -39.89 -8.46
CA GLY A 395 -32.70 -40.62 -8.76
C GLY A 395 -31.52 -40.27 -7.89
N SER A 396 -31.72 -39.56 -6.79
CA SER A 396 -30.64 -39.18 -5.90
C SER A 396 -30.67 -40.04 -4.66
N PRO A 397 -29.64 -40.83 -4.39
CA PRO A 397 -29.63 -41.72 -3.20
C PRO A 397 -29.27 -41.00 -1.92
N LEU A 398 -30.25 -40.32 -1.33
CA LEU A 398 -30.04 -39.54 -0.12
C LEU A 398 -31.17 -39.81 0.87
N ASP A 399 -30.82 -40.10 2.11
CA ASP A 399 -31.80 -40.20 3.18
C ASP A 399 -31.10 -39.98 4.53
N LEU A 400 -31.80 -39.30 5.43
CA LEU A 400 -31.26 -38.98 6.74
C LEU A 400 -31.35 -40.14 7.73
N SER A 401 -32.14 -41.17 7.42
CA SER A 401 -32.37 -42.26 8.36
C SER A 401 -31.06 -42.97 8.71
N VAL A 402 -30.23 -43.25 7.71
CA VAL A 402 -28.96 -43.91 7.94
C VAL A 402 -27.99 -42.91 8.55
N SER A 403 -27.37 -43.29 9.67
CA SER A 403 -26.41 -42.40 10.31
C SER A 403 -25.19 -42.23 9.42
N PRO A 404 -24.69 -41.00 9.25
CA PRO A 404 -23.50 -40.81 8.41
C PRO A 404 -22.28 -41.55 8.92
N PHE A 405 -22.13 -41.71 10.23
CA PHE A 405 -20.99 -42.39 10.81
C PHE A 405 -21.31 -43.87 10.99
N GLU A 406 -20.55 -44.72 10.31
CA GLU A 406 -20.75 -46.17 10.38
C GLU A 406 -19.52 -46.94 10.82
N ASP A 407 -18.31 -46.45 10.52
CA ASP A 407 -17.07 -47.11 10.92
C ASP A 407 -16.52 -46.37 12.13
N ILE A 408 -17.00 -46.76 13.31
CA ILE A 408 -16.57 -46.10 14.54
C ILE A 408 -15.09 -46.37 14.81
N ARG A 409 -14.69 -47.65 14.72
CA ARG A 409 -13.30 -48.02 15.00
C ARG A 409 -12.75 -49.05 14.02
N SER A 410 -13.49 -49.40 12.97
CA SER A 410 -13.05 -50.41 12.01
C SER A 410 -12.42 -49.79 10.77
N ARG A 411 -13.17 -48.95 10.06
CA ARG A 411 -12.73 -48.28 8.82
C ARG A 411 -12.27 -49.36 7.85
N PHE A 412 -11.08 -49.24 7.24
CA PHE A 412 -10.56 -50.26 6.34
C PHE A 412 -9.26 -50.88 6.86
N ILE A 413 -8.92 -50.66 8.12
CA ILE A 413 -7.70 -51.21 8.70
C ILE A 413 -8.00 -52.52 9.41
N SER A 449 -34.32 -49.16 -14.26
CA SER A 449 -33.08 -48.54 -13.85
C SER A 449 -33.33 -47.32 -12.97
N VAL A 450 -32.42 -46.35 -13.04
CA VAL A 450 -32.54 -45.13 -12.25
C VAL A 450 -32.49 -43.93 -13.18
N PRO A 451 -33.07 -42.79 -12.81
CA PRO A 451 -32.94 -41.59 -13.65
C PRO A 451 -31.51 -41.13 -13.73
N ILE A 452 -31.18 -40.47 -14.84
CA ILE A 452 -29.82 -40.02 -15.13
C ILE A 452 -29.68 -38.51 -15.08
N ILE A 453 -30.75 -37.78 -14.77
CA ILE A 453 -30.70 -36.33 -14.79
C ILE A 453 -29.78 -35.81 -13.68
N SER A 454 -29.78 -36.47 -12.52
CA SER A 454 -29.07 -35.95 -11.37
C SER A 454 -27.58 -35.83 -11.63
N VAL A 455 -26.97 -36.90 -12.16
CA VAL A 455 -25.53 -36.88 -12.40
C VAL A 455 -25.16 -35.87 -13.47
N SER A 456 -25.98 -35.76 -14.51
CA SER A 456 -25.72 -34.79 -15.57
C SER A 456 -25.75 -33.37 -15.02
N LEU A 457 -26.75 -33.05 -14.20
CA LEU A 457 -26.81 -31.73 -13.59
C LEU A 457 -25.59 -31.48 -12.71
N LEU A 458 -25.21 -32.49 -11.91
CA LEU A 458 -24.06 -32.33 -11.04
C LEU A 458 -22.80 -32.01 -11.84
N PHE A 459 -22.57 -32.73 -12.94
CA PHE A 459 -21.35 -32.54 -13.69
C PHE A 459 -21.34 -31.21 -14.44
N ALA A 460 -22.49 -30.80 -14.99
CA ALA A 460 -22.56 -29.47 -15.59
C ALA A 460 -22.21 -28.40 -14.56
N GLY A 461 -22.77 -28.53 -13.35
CA GLY A 461 -22.47 -27.58 -12.31
C GLY A 461 -20.99 -27.52 -11.98
N VAL A 462 -20.35 -28.69 -11.84
CA VAL A 462 -18.95 -28.68 -11.43
C VAL A 462 -18.06 -28.08 -12.53
N ILE A 463 -18.40 -28.32 -13.80
CA ILE A 463 -17.57 -27.79 -14.88
C ILE A 463 -17.66 -26.27 -14.95
N ALA A 464 -18.88 -25.73 -14.90
CA ALA A 464 -18.99 -24.28 -14.93
C ALA A 464 -18.39 -23.65 -13.66
N ALA A 465 -18.54 -24.32 -12.52
CA ALA A 465 -17.83 -23.88 -11.32
C ALA A 465 -16.33 -23.82 -11.57
N ARG A 466 -15.81 -24.76 -12.34
CA ARG A 466 -14.37 -24.78 -12.61
C ARG A 466 -13.96 -23.52 -13.37
N ILE A 467 -14.75 -23.11 -14.37
CA ILE A 467 -14.38 -21.91 -15.12
C ILE A 467 -14.36 -20.69 -14.19
N GLY A 468 -15.40 -20.54 -13.36
CA GLY A 468 -15.43 -19.41 -12.45
C GLY A 468 -14.29 -19.42 -11.45
N LEU A 469 -14.00 -20.60 -10.91
CA LEU A 469 -12.96 -20.74 -9.90
C LEU A 469 -11.59 -20.39 -10.47
N TRP A 470 -11.31 -20.80 -11.71
CA TRP A 470 -10.02 -20.47 -12.29
C TRP A 470 -9.88 -18.96 -12.48
N SER A 471 -10.93 -18.30 -12.94
CA SER A 471 -10.84 -16.85 -13.05
C SER A 471 -10.55 -16.19 -11.70
N PHE A 472 -11.27 -16.62 -10.66
CA PHE A 472 -11.08 -16.04 -9.33
C PHE A 472 -9.67 -16.29 -8.80
N ASP A 473 -9.15 -17.50 -9.00
CA ASP A 473 -7.80 -17.80 -8.55
C ASP A 473 -6.79 -16.88 -9.22
N LEU A 474 -6.93 -16.68 -10.53
CA LEU A 474 -5.98 -15.82 -11.23
C LEU A 474 -6.02 -14.40 -10.70
N THR A 475 -7.22 -13.85 -10.48
CA THR A 475 -7.27 -12.46 -10.03
C THR A 475 -6.70 -12.31 -8.62
N VAL A 476 -6.99 -13.26 -7.72
CA VAL A 476 -6.44 -13.15 -6.37
C VAL A 476 -4.92 -13.28 -6.39
N THR A 477 -4.40 -14.16 -7.24
CA THR A 477 -2.95 -14.31 -7.36
C THR A 477 -2.31 -13.01 -7.81
N GLN A 478 -2.89 -12.35 -8.82
CA GLN A 478 -2.33 -11.09 -9.27
C GLN A 478 -2.39 -10.03 -8.19
N LEU A 479 -3.49 -9.99 -7.43
CA LEU A 479 -3.59 -9.02 -6.34
C LEU A 479 -2.48 -9.21 -5.33
N LEU A 480 -2.26 -10.47 -4.92
CA LEU A 480 -1.20 -10.75 -3.96
C LEU A 480 0.17 -10.39 -4.51
N GLN A 481 0.41 -10.66 -5.79
CA GLN A 481 1.68 -10.31 -6.40
C GLN A 481 1.89 -8.80 -6.40
N GLU A 482 0.83 -8.04 -6.67
CA GLU A 482 0.98 -6.60 -6.86
C GLU A 482 1.07 -5.83 -5.55
N ASN A 483 0.42 -6.30 -4.48
CA ASN A 483 0.24 -5.49 -3.29
C ASN A 483 1.01 -6.00 -2.08
N VAL A 484 2.26 -6.45 -2.27
CA VAL A 484 3.07 -6.90 -1.09
C VAL A 484 4.50 -6.34 -1.19
N ILE A 485 5.04 -5.86 -0.08
CA ILE A 485 6.42 -5.27 -0.07
C ILE A 485 7.41 -6.35 -0.49
N GLU A 486 8.45 -5.98 -1.24
CA GLU A 486 9.40 -6.99 -1.78
C GLU A 486 10.09 -7.71 -0.61
N SER A 487 10.49 -6.98 0.42
CA SER A 487 11.26 -7.59 1.54
C SER A 487 10.43 -8.67 2.26
N GLU A 488 9.22 -8.96 1.77
CA GLU A 488 8.38 -9.94 2.51
C GLU A 488 7.51 -10.74 1.53
N ARG A 489 7.96 -10.87 0.28
CA ARG A 489 7.13 -11.59 -0.74
C ARG A 489 7.18 -13.09 -0.44
N GLY A 490 8.28 -13.57 0.15
CA GLY A 490 8.41 -14.99 0.50
C GLY A 490 7.55 -15.36 1.68
N ILE A 491 7.74 -14.69 2.82
CA ILE A 491 6.99 -15.07 4.05
C ILE A 491 5.49 -14.97 3.78
N ILE A 492 5.04 -13.87 3.17
CA ILE A 492 3.55 -13.78 3.02
C ILE A 492 3.05 -14.95 2.16
N ASN A 493 3.70 -15.22 1.03
CA ASN A 493 3.18 -16.28 0.12
C ASN A 493 3.25 -17.65 0.81
N GLY A 494 4.27 -17.88 1.61
CA GLY A 494 4.38 -19.16 2.35
C GLY A 494 3.25 -19.33 3.35
N VAL A 495 2.96 -18.28 4.11
CA VAL A 495 1.79 -18.42 5.03
C VAL A 495 0.52 -18.66 4.20
N GLN A 496 0.40 -18.01 3.04
CA GLN A 496 -0.77 -18.28 2.16
C GLN A 496 -0.86 -19.76 1.82
N ASN A 497 0.25 -20.35 1.37
CA ASN A 497 0.25 -21.80 1.01
C ASN A 497 -0.14 -22.64 2.23
N SER A 498 0.41 -22.32 3.41
CA SER A 498 0.04 -23.08 4.63
C SER A 498 -1.47 -23.02 4.83
N MET A 499 -2.06 -21.83 4.76
CA MET A 499 -3.52 -21.67 4.97
C MET A 499 -4.27 -22.53 3.94
N ASN A 500 -3.87 -22.44 2.68
CA ASN A 500 -4.55 -23.22 1.61
C ASN A 500 -4.53 -24.70 2.00
N TYR A 501 -3.36 -25.23 2.35
CA TYR A 501 -3.27 -26.68 2.67
C TYR A 501 -4.14 -27.02 3.88
N LEU A 502 -4.11 -26.20 4.93
CA LEU A 502 -5.01 -26.46 6.08
C LEU A 502 -6.42 -26.76 5.58
N LEU A 503 -7.05 -25.81 4.88
CA LEU A 503 -8.43 -25.99 4.44
C LEU A 503 -8.56 -27.25 3.60
N ASP A 504 -7.49 -27.67 2.94
CA ASP A 504 -7.52 -28.95 2.25
C ASP A 504 -7.64 -30.10 3.25
N LEU A 505 -6.85 -30.04 4.32
CA LEU A 505 -6.78 -31.16 5.26
C LEU A 505 -8.14 -31.46 5.86
N LEU A 506 -8.82 -30.42 6.35
CA LEU A 506 -10.16 -30.60 6.89
C LEU A 506 -11.05 -31.34 5.91
N HIS A 507 -10.99 -30.97 4.63
CA HIS A 507 -11.78 -31.64 3.61
C HIS A 507 -11.52 -33.15 3.65
N PHE A 508 -10.24 -33.54 3.62
CA PHE A 508 -9.92 -34.95 3.66
C PHE A 508 -10.58 -35.62 4.86
N ILE A 509 -10.57 -34.95 6.01
CA ILE A 509 -11.11 -35.54 7.23
C ILE A 509 -12.56 -35.95 7.02
N MET A 510 -13.37 -35.05 6.43
CA MET A 510 -14.78 -35.39 6.31
C MET A 510 -14.98 -36.56 5.37
N VAL A 511 -14.11 -36.69 4.35
CA VAL A 511 -14.21 -37.84 3.46
C VAL A 511 -14.01 -39.13 4.25
N ILE A 512 -13.12 -39.11 5.24
CA ILE A 512 -12.94 -40.26 6.09
C ILE A 512 -14.18 -40.51 6.94
N LEU A 513 -14.83 -39.44 7.39
CA LEU A 513 -15.91 -39.60 8.36
C LEU A 513 -17.17 -40.16 7.72
N ALA A 514 -17.46 -39.76 6.49
CA ALA A 514 -18.68 -40.18 5.79
C ALA A 514 -18.31 -40.71 4.41
N PRO A 515 -17.83 -41.95 4.33
CA PRO A 515 -17.48 -42.54 3.04
C PRO A 515 -18.63 -43.23 2.32
N ASN A 516 -19.83 -43.24 2.91
CA ASN A 516 -20.95 -43.92 2.28
C ASN A 516 -21.32 -43.24 0.97
N PRO A 517 -21.55 -44.00 -0.10
CA PRO A 517 -22.04 -43.37 -1.34
C PRO A 517 -23.38 -42.68 -1.16
N GLU A 518 -24.20 -43.14 -0.22
CA GLU A 518 -25.50 -42.51 -0.01
C GLU A 518 -25.34 -41.11 0.58
N ALA A 519 -24.51 -40.96 1.60
CA ALA A 519 -24.37 -39.69 2.30
C ALA A 519 -23.52 -38.68 1.53
N PHE A 520 -23.24 -38.94 0.25
CA PHE A 520 -22.47 -37.98 -0.54
C PHE A 520 -23.21 -36.66 -0.67
N GLY A 521 -24.51 -36.71 -0.94
CA GLY A 521 -25.24 -35.50 -1.24
C GLY A 521 -25.13 -34.45 -0.15
N LEU A 522 -25.29 -34.87 1.10
CA LEU A 522 -25.15 -33.95 2.22
C LEU A 522 -23.81 -33.25 2.17
N LEU A 523 -22.73 -34.01 1.96
CA LEU A 523 -21.41 -33.41 1.86
C LEU A 523 -21.39 -32.28 0.85
N VAL A 524 -22.06 -32.48 -0.30
CA VAL A 524 -22.07 -31.47 -1.34
C VAL A 524 -22.55 -30.14 -0.77
N LEU A 525 -23.68 -30.19 -0.04
CA LEU A 525 -24.22 -28.97 0.55
C LEU A 525 -23.15 -28.25 1.36
N ILE A 526 -22.48 -28.99 2.25
CA ILE A 526 -21.48 -28.37 3.11
C ILE A 526 -20.45 -27.64 2.25
N SER A 527 -19.94 -28.32 1.23
CA SER A 527 -18.92 -27.70 0.39
C SER A 527 -19.43 -26.40 -0.21
N VAL A 528 -20.63 -26.43 -0.78
CA VAL A 528 -21.18 -25.22 -1.37
C VAL A 528 -21.23 -24.11 -0.33
N SER A 529 -21.70 -24.44 0.88
CA SER A 529 -21.77 -23.45 1.93
C SER A 529 -20.42 -22.78 2.12
N PHE A 530 -19.36 -23.58 2.22
CA PHE A 530 -18.04 -23.00 2.44
C PHE A 530 -17.69 -22.03 1.32
N VAL A 531 -17.95 -22.43 0.07
CA VAL A 531 -17.64 -21.55 -1.05
C VAL A 531 -18.32 -20.21 -0.84
N ALA A 532 -19.62 -20.23 -0.51
CA ALA A 532 -20.35 -18.99 -0.29
C ALA A 532 -19.61 -18.10 0.69
N MET A 533 -19.23 -18.68 1.84
CA MET A 533 -18.57 -17.90 2.87
C MET A 533 -17.37 -17.17 2.29
N GLY A 534 -16.52 -17.90 1.56
CA GLY A 534 -15.34 -17.28 1.00
C GLY A 534 -15.67 -16.05 0.20
N HIS A 535 -16.62 -16.18 -0.73
CA HIS A 535 -16.94 -15.05 -1.58
C HIS A 535 -17.51 -13.91 -0.76
N ILE A 536 -18.36 -14.23 0.21
CA ILE A 536 -18.90 -13.18 1.09
C ILE A 536 -17.75 -12.41 1.70
N MET A 537 -16.76 -13.13 2.21
CA MET A 537 -15.62 -12.49 2.83
C MET A 537 -14.88 -11.62 1.82
N TYR A 538 -14.66 -12.13 0.60
CA TYR A 538 -14.05 -11.31 -0.43
C TYR A 538 -14.87 -10.06 -0.69
N PHE A 539 -16.20 -10.20 -0.66
CA PHE A 539 -17.06 -9.04 -0.88
C PHE A 539 -16.69 -7.91 0.07
N ARG A 540 -16.45 -8.25 1.34
CA ARG A 540 -16.11 -7.20 2.31
C ARG A 540 -14.87 -6.45 1.87
N PHE A 541 -13.86 -7.18 1.41
CA PHE A 541 -12.64 -6.54 0.92
C PHE A 541 -12.97 -5.51 -0.15
N ALA A 542 -13.84 -5.88 -1.10
CA ALA A 542 -14.21 -4.93 -2.14
C ALA A 542 -14.84 -3.69 -1.53
N GLN A 543 -15.73 -3.86 -0.57
CA GLN A 543 -16.39 -2.71 0.03
C GLN A 543 -15.42 -1.82 0.79
N ASN A 544 -14.23 -2.32 1.11
CA ASN A 544 -13.24 -1.52 1.79
C ASN A 544 -12.34 -0.75 0.84
N THR A 545 -12.45 -1.00 -0.47
CA THR A 545 -11.57 -0.35 -1.42
C THR A 545 -12.31 0.33 -2.58
N LEU A 546 -13.64 0.21 -2.64
CA LEU A 546 -14.40 0.83 -3.70
C LEU A 546 -15.56 1.67 -3.21
N GLY A 547 -15.92 1.60 -1.92
CA GLY A 547 -17.02 2.40 -1.43
C GLY A 547 -18.34 1.99 -2.06
N ASN A 548 -19.16 2.98 -2.37
CA ASN A 548 -20.47 2.75 -2.97
C ASN A 548 -20.42 2.59 -4.48
N LYS A 549 -19.29 2.89 -5.11
CA LYS A 549 -19.15 2.74 -6.56
C LYS A 549 -18.80 1.30 -6.92
N LEU A 550 -19.61 0.35 -6.44
CA LEU A 550 -19.32 -1.05 -6.63
C LEU A 550 -19.73 -1.57 -8.01
N PHE A 551 -20.56 -0.83 -8.75
CA PHE A 551 -21.05 -1.27 -10.05
C PHE A 551 -20.83 -0.16 -11.08
N ALA A 552 -19.61 -0.10 -11.62
CA ALA A 552 -19.32 0.76 -12.76
C ALA A 552 -18.06 0.21 -13.43
N CYS A 553 -18.24 -0.55 -14.52
CA CYS A 553 -17.09 -1.14 -15.18
C CYS A 553 -16.30 -0.12 -15.97
N GLY A 554 -16.98 0.77 -16.69
CA GLY A 554 -16.32 1.76 -17.50
C GLY A 554 -16.05 3.05 -16.75
N PRO A 555 -15.53 4.05 -17.45
CA PRO A 555 -15.29 5.35 -16.82
C PRO A 555 -16.57 6.15 -16.71
N ASP A 556 -16.51 7.17 -15.84
CA ASP A 556 -17.67 8.03 -15.62
C ASP A 556 -17.98 8.85 -16.86
N ALA A 557 -19.26 9.09 -17.09
CA ALA A 557 -19.70 9.86 -18.24
C ALA A 557 -20.44 11.13 -17.81
N ASP B 1 -14.17 6.86 9.26
CA ASP B 1 -12.82 6.57 8.81
C ASP B 1 -11.81 6.77 9.94
N ILE B 2 -10.60 6.26 9.74
CA ILE B 2 -9.58 6.34 10.78
C ILE B 2 -9.10 7.78 10.91
N VAL B 3 -9.12 8.30 12.14
CA VAL B 3 -8.62 9.63 12.44
C VAL B 3 -7.23 9.50 13.04
N MET B 4 -6.26 10.17 12.45
CA MET B 4 -4.85 10.00 12.78
C MET B 4 -4.37 11.29 13.42
N THR B 5 -3.92 11.21 14.67
CA THR B 5 -3.65 12.40 15.47
C THR B 5 -2.26 12.35 16.07
N GLN B 6 -1.60 13.52 16.09
CA GLN B 6 -0.33 13.71 16.77
C GLN B 6 -0.54 14.72 17.89
N SER B 7 -0.13 14.35 19.10
CA SER B 7 -0.40 15.19 20.27
C SER B 7 0.42 16.47 20.22
N GLN B 8 1.74 16.35 20.23
CA GLN B 8 2.60 17.52 20.24
C GLN B 8 2.55 18.24 18.90
N LYS B 9 2.50 19.57 18.95
CA LYS B 9 2.52 20.41 17.76
C LYS B 9 3.83 21.15 17.58
N PHE B 10 4.36 21.73 18.65
CA PHE B 10 5.66 22.39 18.64
C PHE B 10 6.58 21.63 19.57
N MET B 11 7.77 21.27 19.08
CA MET B 11 8.76 20.55 19.87
C MET B 11 10.06 21.35 19.85
N SER B 12 10.40 21.94 20.98
CA SER B 12 11.61 22.74 21.11
C SER B 12 12.76 21.84 21.55
N THR B 13 13.77 21.71 20.70
CA THR B 13 14.90 20.83 20.92
C THR B 13 16.20 21.64 20.96
N SER B 14 17.31 20.91 21.01
CA SER B 14 18.63 21.50 20.98
C SER B 14 19.53 20.65 20.08
N VAL B 15 20.60 21.26 19.58
CA VAL B 15 21.45 20.60 18.61
C VAL B 15 22.20 19.43 19.26
N GLY B 16 22.21 18.29 18.58
CA GLY B 16 23.03 17.17 18.96
C GLY B 16 22.35 16.07 19.75
N ASP B 17 21.15 16.31 20.28
CA ASP B 17 20.46 15.31 21.08
C ASP B 17 19.45 14.55 20.22
N ARG B 18 18.69 13.66 20.87
CA ARG B 18 17.75 12.78 20.20
C ARG B 18 16.32 13.18 20.55
N VAL B 19 15.43 13.08 19.57
CA VAL B 19 14.03 13.48 19.75
C VAL B 19 13.13 12.34 19.28
N SER B 20 11.90 12.35 19.78
CA SER B 20 10.91 11.34 19.44
C SER B 20 9.58 12.01 19.15
N ILE B 21 8.94 11.61 18.06
CA ILE B 21 7.64 12.12 17.66
C ILE B 21 6.66 10.97 17.66
N THR B 22 5.53 11.15 18.33
CA THR B 22 4.55 10.09 18.53
C THR B 22 3.32 10.33 17.67
N CYS B 23 2.80 9.25 17.09
CA CYS B 23 1.58 9.31 16.29
C CYS B 23 0.66 8.18 16.74
N LYS B 24 -0.60 8.51 17.01
CA LYS B 24 -1.57 7.56 17.53
C LYS B 24 -2.78 7.51 16.63
N ALA B 25 -3.24 6.30 16.35
CA ALA B 25 -4.42 6.07 15.51
C ALA B 25 -5.59 5.62 16.36
N SER B 26 -6.79 5.77 15.82
CA SER B 26 -8.02 5.42 16.52
C SER B 26 -8.45 3.98 16.29
N GLN B 27 -7.78 3.24 15.42
CA GLN B 27 -8.12 1.85 15.14
C GLN B 27 -6.84 1.05 15.01
N ASN B 28 -6.97 -0.27 15.12
CA ASN B 28 -5.83 -1.18 15.00
C ASN B 28 -5.47 -1.27 13.52
N VAL B 29 -4.66 -0.31 13.06
CA VAL B 29 -4.25 -0.27 11.67
C VAL B 29 -3.30 -1.43 11.36
N GLY B 30 -2.43 -1.77 12.30
CA GLY B 30 -1.46 -2.82 12.07
C GLY B 30 -0.05 -2.28 11.93
N THR B 31 0.47 -2.27 10.70
CA THR B 31 1.79 -1.71 10.46
C THR B 31 1.81 -0.83 9.22
N ALA B 32 0.67 -0.31 8.80
CA ALA B 32 0.59 0.49 7.58
C ALA B 32 0.65 1.98 7.92
N VAL B 33 1.86 2.43 8.25
CA VAL B 33 2.11 3.82 8.59
C VAL B 33 3.40 4.27 7.91
N ALA B 34 3.36 5.44 7.29
CA ALA B 34 4.52 6.03 6.63
C ALA B 34 4.77 7.42 7.19
N TRP B 35 6.04 7.79 7.29
CA TRP B 35 6.47 9.08 7.81
C TRP B 35 7.09 9.89 6.68
N TYR B 36 6.57 11.10 6.49
CA TYR B 36 7.04 12.04 5.49
C TYR B 36 7.62 13.28 6.16
N GLN B 37 8.56 13.93 5.48
CA GLN B 37 9.16 15.18 5.92
C GLN B 37 8.93 16.27 4.90
N LYS B 38 8.56 17.45 5.35
CA LYS B 38 8.31 18.59 4.48
C LYS B 38 9.00 19.82 5.05
N LYS B 39 9.74 20.53 4.20
CA LYS B 39 10.36 21.80 4.53
C LYS B 39 9.51 22.95 4.02
N PRO B 40 9.59 24.13 4.62
CA PRO B 40 8.75 25.26 4.18
C PRO B 40 9.03 25.63 2.74
N GLY B 41 7.95 25.91 2.00
CA GLY B 41 8.09 26.27 0.61
C GLY B 41 8.44 25.14 -0.33
N GLN B 42 8.35 23.90 0.13
CA GLN B 42 8.76 22.76 -0.70
C GLN B 42 7.72 21.67 -0.70
N SER B 43 8.02 20.56 -1.33
CA SER B 43 7.14 19.41 -1.39
C SER B 43 7.59 18.33 -0.41
N PRO B 44 6.66 17.57 0.15
CA PRO B 44 7.04 16.53 1.11
C PRO B 44 7.85 15.43 0.44
N LYS B 45 8.73 14.81 1.23
CA LYS B 45 9.58 13.74 0.76
C LYS B 45 9.50 12.55 1.69
N LEU B 46 9.64 11.35 1.10
CA LEU B 46 9.51 10.12 1.85
C LEU B 46 10.65 9.96 2.85
N LEU B 47 10.31 9.56 4.07
CA LEU B 47 11.31 9.24 5.09
C LEU B 47 11.26 7.78 5.50
N ILE B 48 10.13 7.28 5.98
CA ILE B 48 10.03 5.91 6.47
C ILE B 48 8.73 5.30 5.95
N TYR B 49 8.77 4.02 5.59
CA TYR B 49 7.57 3.33 5.16
C TYR B 49 7.42 2.00 5.89
N SER B 50 6.16 1.61 6.11
CA SER B 50 5.80 0.42 6.86
C SER B 50 6.29 0.47 8.30
N ALA B 51 6.57 1.68 8.80
CA ALA B 51 6.91 1.94 10.19
C ALA B 51 8.27 1.40 10.61
N SER B 52 8.92 0.67 9.74
CA SER B 52 10.24 0.16 10.11
C SER B 52 11.32 0.41 9.07
N ASN B 53 10.98 0.31 7.78
CA ASN B 53 11.97 0.32 6.73
C ASN B 53 12.32 1.73 6.30
N ARG B 54 13.59 1.92 5.95
CA ARG B 54 14.05 3.19 5.40
C ARG B 54 14.01 3.14 3.87
N TYR B 55 14.11 4.32 3.26
CA TYR B 55 13.95 4.46 1.81
C TYR B 55 15.26 4.93 1.21
N SER B 56 16.07 3.98 0.71
CA SER B 56 17.27 4.26 -0.07
C SER B 56 18.15 5.34 0.56
N GLY B 57 18.32 6.45 -0.16
CA GLY B 57 19.23 7.49 0.27
C GLY B 57 18.71 8.34 1.41
N VAL B 58 18.57 7.73 2.59
CA VAL B 58 18.11 8.44 3.77
C VAL B 58 19.14 8.25 4.88
N PRO B 59 19.51 9.31 5.60
CA PRO B 59 20.48 9.14 6.68
C PRO B 59 20.00 8.15 7.73
N ASP B 60 20.94 7.41 8.29
CA ASP B 60 20.62 6.34 9.22
C ASP B 60 20.24 6.83 10.61
N ARG B 61 20.15 8.14 10.81
CA ARG B 61 19.77 8.67 12.11
C ARG B 61 18.26 8.68 12.33
N PHE B 62 17.47 8.29 11.33
CA PHE B 62 16.02 8.20 11.46
C PHE B 62 15.64 6.75 11.72
N THR B 63 14.77 6.55 12.70
CA THR B 63 14.33 5.20 13.05
C THR B 63 12.83 5.20 13.29
N GLY B 64 12.14 4.20 12.76
CA GLY B 64 10.71 4.03 12.98
C GLY B 64 10.46 2.88 13.94
N SER B 65 9.42 3.02 14.76
CA SER B 65 9.11 1.98 15.73
C SER B 65 7.63 2.05 16.07
N GLY B 66 7.14 1.01 16.71
CA GLY B 66 5.76 0.95 17.16
C GLY B 66 4.93 0.00 16.33
N SER B 67 3.69 -0.19 16.79
CA SER B 67 2.77 -1.13 16.16
C SER B 67 1.43 -1.04 16.86
N GLY B 68 0.39 -1.52 16.19
CA GLY B 68 -0.94 -1.49 16.76
C GLY B 68 -1.63 -0.16 16.53
N THR B 69 -1.63 0.69 17.56
CA THR B 69 -2.19 2.02 17.46
C THR B 69 -1.18 3.13 17.74
N ASP B 70 -0.01 2.81 18.28
CA ASP B 70 0.99 3.81 18.63
C ASP B 70 2.26 3.60 17.81
N PHE B 71 2.79 4.68 17.24
CA PHE B 71 4.01 4.63 16.46
C PHE B 71 4.88 5.82 16.84
N THR B 72 6.18 5.68 16.60
CA THR B 72 7.14 6.68 17.03
C THR B 72 8.27 6.79 16.01
N LEU B 73 8.62 8.02 15.66
CA LEU B 73 9.76 8.31 14.82
C LEU B 73 10.84 8.95 15.69
N THR B 74 12.03 8.36 15.70
CA THR B 74 13.11 8.78 16.55
C THR B 74 14.26 9.31 15.71
N ILE B 75 14.81 10.44 16.12
CA ILE B 75 15.94 11.07 15.46
C ILE B 75 17.09 11.09 16.45
N SER B 76 18.22 10.51 16.06
CA SER B 76 19.40 10.45 16.92
C SER B 76 20.43 11.46 16.43
N ASN B 77 20.86 12.33 17.34
CA ASN B 77 21.86 13.37 16.98
C ASN B 77 21.24 14.32 15.95
N MET B 78 20.34 15.19 16.39
CA MET B 78 19.65 16.12 15.45
C MET B 78 20.70 17.03 14.81
N GLN B 79 20.48 17.42 13.54
CA GLN B 79 21.39 18.35 12.85
C GLN B 79 20.57 19.54 12.35
N SER B 80 21.19 20.71 12.18
CA SER B 80 20.43 21.92 11.79
C SER B 80 19.63 21.65 10.51
N GLU B 81 20.03 20.65 9.73
CA GLU B 81 19.35 20.35 8.45
C GLU B 81 18.10 19.53 8.71
N ASP B 82 17.59 19.51 9.95
CA ASP B 82 16.44 18.62 10.27
C ASP B 82 15.31 19.42 10.93
N LEU B 83 15.31 20.76 10.77
CA LEU B 83 14.22 21.57 11.33
C LEU B 83 13.14 21.70 10.27
N ALA B 84 12.10 20.88 10.35
CA ALA B 84 11.05 20.85 9.35
C ALA B 84 9.79 20.24 9.97
N ASP B 85 8.84 19.89 9.12
CA ASP B 85 7.59 19.26 9.52
C ASP B 85 7.62 17.78 9.22
N TYR B 86 6.97 17.00 10.08
CA TYR B 86 6.90 15.55 9.92
C TYR B 86 5.46 15.10 10.05
N PHE B 87 5.03 14.26 9.10
CA PHE B 87 3.65 13.79 9.04
C PHE B 87 3.62 12.27 9.07
N CYS B 88 2.62 11.72 9.74
CA CYS B 88 2.33 10.29 9.73
C CYS B 88 1.07 10.05 8.92
N GLN B 89 1.14 9.12 7.97
CA GLN B 89 0.02 8.81 7.10
C GLN B 89 -0.25 7.31 7.14
N GLN B 90 -1.53 6.95 7.20
CA GLN B 90 -1.94 5.55 7.19
C GLN B 90 -2.44 5.16 5.80
N TYR B 91 -2.26 3.88 5.46
CA TYR B 91 -2.82 3.35 4.24
C TYR B 91 -3.53 2.02 4.49
N GLY B 92 -4.01 1.82 5.71
CA GLY B 92 -4.72 0.59 6.02
C GLY B 92 -6.01 0.44 5.25
N SER B 93 -6.79 1.51 5.16
CA SER B 93 -8.06 1.46 4.45
C SER B 93 -8.39 2.86 3.92
N TYR B 94 -9.22 2.89 2.89
CA TYR B 94 -9.63 4.15 2.29
C TYR B 94 -10.79 4.76 3.08
N PRO B 95 -10.90 6.10 3.08
CA PRO B 95 -10.02 7.09 2.44
C PRO B 95 -8.73 7.31 3.22
N LEU B 96 -7.65 7.69 2.54
CA LEU B 96 -6.39 7.94 3.22
C LEU B 96 -6.47 9.21 4.06
N THR B 97 -5.81 9.19 5.21
CA THR B 97 -5.79 10.33 6.11
C THR B 97 -4.36 10.64 6.53
N PHE B 98 -4.10 11.90 6.83
CA PHE B 98 -2.79 12.37 7.25
C PHE B 98 -2.87 12.90 8.68
N GLY B 99 -1.70 13.03 9.29
CA GLY B 99 -1.61 13.63 10.61
C GLY B 99 -1.59 15.14 10.55
N SER B 100 -1.61 15.76 11.73
CA SER B 100 -1.61 17.22 11.80
C SER B 100 -0.24 17.79 11.48
N GLY B 101 0.82 17.15 11.94
CA GLY B 101 2.17 17.62 11.75
C GLY B 101 2.79 18.14 13.04
N THR B 102 4.12 18.30 12.99
CA THR B 102 4.87 18.72 14.16
C THR B 102 5.97 19.69 13.74
N LYS B 103 6.12 20.76 14.52
CA LYS B 103 7.18 21.75 14.35
C LYS B 103 8.41 21.36 15.16
N LEU B 104 9.57 21.80 14.68
CA LEU B 104 10.83 21.66 15.42
C LEU B 104 11.49 23.03 15.53
N GLU B 105 11.90 23.39 16.74
CA GLU B 105 12.49 24.69 17.02
C GLU B 105 13.66 24.49 17.96
N ILE B 106 14.73 25.27 17.77
CA ILE B 106 15.92 25.10 18.61
C ILE B 106 15.75 25.78 19.95
N LYS B 107 16.68 25.50 20.86
CA LYS B 107 16.66 26.06 22.20
C LYS B 107 17.41 27.39 22.24
N GLU B 108 16.88 28.31 23.05
CA GLU B 108 17.55 29.58 23.30
C GLU B 108 17.17 30.04 24.71
N ALA B 109 18.01 30.91 25.25
CA ALA B 109 17.75 31.46 26.57
C ALA B 109 16.54 32.38 26.54
N GLU B 110 15.81 32.40 27.66
CA GLU B 110 14.61 33.23 27.74
C GLU B 110 14.96 34.71 27.67
N ALA B 111 14.07 35.49 27.05
CA ALA B 111 14.26 36.91 26.89
C ALA B 111 12.92 37.62 27.14
N ALA B 112 12.96 38.94 27.07
CA ALA B 112 11.77 39.76 27.32
C ALA B 112 11.54 40.71 26.16
N PRO B 113 10.29 41.05 25.87
CA PRO B 113 9.99 41.91 24.73
C PRO B 113 10.45 43.35 24.96
N THR B 114 10.66 44.05 23.85
CA THR B 114 11.01 45.47 23.85
C THR B 114 9.85 46.19 23.17
N VAL B 115 8.84 46.57 23.95
CA VAL B 115 7.63 47.15 23.38
C VAL B 115 7.89 48.57 22.88
N SER B 116 7.06 48.99 21.93
CA SER B 116 7.12 50.34 21.38
C SER B 116 5.74 50.71 20.85
N ILE B 117 5.34 51.95 21.06
CA ILE B 117 4.02 52.44 20.67
C ILE B 117 4.21 53.58 19.68
N PHE B 118 3.50 53.51 18.56
CA PHE B 118 3.55 54.53 17.54
C PHE B 118 2.18 55.20 17.40
N PRO B 119 2.10 56.52 17.50
CA PRO B 119 0.81 57.20 17.40
C PRO B 119 0.32 57.21 15.95
N PRO B 120 -0.96 57.49 15.73
CA PRO B 120 -1.48 57.54 14.36
C PRO B 120 -0.80 58.61 13.54
N SER B 121 -0.61 58.32 12.26
CA SER B 121 0.08 59.22 11.35
C SER B 121 -0.83 60.38 10.95
N SER B 122 -0.20 61.53 10.67
CA SER B 122 -0.96 62.68 10.21
C SER B 122 -1.60 62.43 8.85
N GLU B 123 -0.87 61.79 7.94
CA GLU B 123 -1.43 61.48 6.62
C GLU B 123 -2.61 60.53 6.73
N GLN B 124 -2.49 59.50 7.57
CA GLN B 124 -3.61 58.57 7.76
C GLN B 124 -4.80 59.29 8.40
N LEU B 125 -4.54 60.18 9.36
CA LEU B 125 -5.62 60.94 9.98
C LEU B 125 -6.32 61.83 8.96
N THR B 126 -5.57 62.45 8.05
CA THR B 126 -6.16 63.28 7.02
C THR B 126 -7.05 62.48 6.07
N SER B 127 -6.84 61.17 5.99
CA SER B 127 -7.66 60.31 5.14
C SER B 127 -8.82 59.68 5.91
N GLY B 128 -9.09 60.14 7.12
CA GLY B 128 -10.15 59.58 7.93
C GLY B 128 -9.90 58.17 8.39
N GLY B 129 -8.67 57.85 8.79
CA GLY B 129 -8.34 56.54 9.28
C GLY B 129 -7.34 56.58 10.41
N ALA B 130 -7.67 55.91 11.52
CA ALA B 130 -6.83 55.89 12.71
C ALA B 130 -6.28 54.49 12.92
N SER B 131 -4.96 54.39 13.06
CA SER B 131 -4.31 53.10 13.30
C SER B 131 -3.25 53.28 14.38
N VAL B 132 -3.27 52.39 15.36
CA VAL B 132 -2.28 52.37 16.44
C VAL B 132 -1.51 51.06 16.36
N VAL B 133 -0.19 51.15 16.32
CA VAL B 133 0.68 49.99 16.09
C VAL B 133 1.61 49.85 17.29
N CYS B 134 1.68 48.62 17.83
CA CYS B 134 2.60 48.29 18.90
C CYS B 134 3.44 47.10 18.45
N PHE B 135 4.76 47.22 18.61
CA PHE B 135 5.70 46.21 18.12
C PHE B 135 6.52 45.66 19.28
N LEU B 136 6.54 44.34 19.41
CA LEU B 136 7.44 43.64 20.33
C LEU B 136 8.58 43.06 19.51
N ASN B 137 9.80 43.48 19.81
CA ASN B 137 10.93 43.22 18.93
C ASN B 137 11.49 41.82 19.13
N ASN B 138 12.02 41.54 20.31
CA ASN B 138 12.70 40.27 20.56
C ASN B 138 12.21 39.66 21.87
N PHE B 139 11.90 38.37 21.83
CA PHE B 139 11.52 37.61 23.01
C PHE B 139 11.54 36.13 22.64
N TYR B 140 12.09 35.30 23.54
CA TYR B 140 12.26 33.89 23.19
C TYR B 140 10.95 33.11 23.25
N PRO B 141 10.22 33.09 24.36
CA PRO B 141 9.00 32.26 24.41
C PRO B 141 7.99 32.70 23.37
N LYS B 142 7.33 31.73 22.74
CA LYS B 142 6.35 32.03 21.71
C LYS B 142 5.10 32.69 22.30
N ASP B 143 4.67 32.22 23.47
CA ASP B 143 3.43 32.71 24.07
C ASP B 143 3.64 34.11 24.65
N ILE B 144 2.72 35.01 24.35
CA ILE B 144 2.75 36.37 24.90
C ILE B 144 1.33 36.92 24.82
N ASN B 145 0.96 37.72 25.82
CA ASN B 145 -0.36 38.31 25.90
C ASN B 145 -0.27 39.81 25.69
N VAL B 146 -1.11 40.35 24.81
CA VAL B 146 -1.13 41.77 24.49
C VAL B 146 -2.52 42.30 24.76
N LYS B 147 -2.60 43.39 25.53
CA LYS B 147 -3.87 44.02 25.86
C LYS B 147 -3.81 45.50 25.49
N TRP B 148 -4.82 45.98 24.78
CA TRP B 148 -4.90 47.37 24.37
C TRP B 148 -6.00 48.04 25.20
N LYS B 149 -5.61 49.01 26.02
CA LYS B 149 -6.54 49.73 26.88
C LYS B 149 -6.72 51.14 26.34
N ILE B 150 -7.94 51.47 25.93
CA ILE B 150 -8.28 52.79 25.41
C ILE B 150 -9.17 53.48 26.41
N ASP B 151 -8.75 54.65 26.87
CA ASP B 151 -9.47 55.42 27.90
C ASP B 151 -9.74 54.56 29.12
N GLY B 152 -8.74 53.80 29.54
CA GLY B 152 -8.89 52.90 30.66
C GLY B 152 -9.87 51.78 30.43
N SER B 153 -9.91 51.23 29.23
CA SER B 153 -10.82 50.14 28.89
C SER B 153 -10.15 49.21 27.90
N GLU B 154 -10.02 47.95 28.26
CA GLU B 154 -9.35 46.95 27.40
C GLU B 154 -10.31 46.57 26.29
N ARG B 155 -10.28 47.34 25.20
CA ARG B 155 -11.13 47.04 24.05
C ARG B 155 -10.70 45.74 23.40
N GLN B 156 -11.69 44.95 22.97
CA GLN B 156 -11.46 43.66 22.34
C GLN B 156 -12.04 43.60 20.93
N ASN B 157 -12.08 44.74 20.24
CA ASN B 157 -12.62 44.84 18.90
C ASN B 157 -11.65 45.61 18.01
N GLY B 158 -11.54 45.19 16.76
CA GLY B 158 -10.67 45.86 15.81
C GLY B 158 -9.19 45.79 16.12
N VAL B 159 -8.71 44.62 16.54
CA VAL B 159 -7.30 44.41 16.85
C VAL B 159 -6.80 43.21 16.07
N LEU B 160 -5.68 43.37 15.38
CA LEU B 160 -5.08 42.30 14.60
C LEU B 160 -3.62 42.14 15.03
N ASN B 161 -3.25 40.91 15.37
CA ASN B 161 -1.90 40.60 15.84
C ASN B 161 -1.24 39.63 14.88
N SER B 162 -0.01 39.93 14.48
CA SER B 162 0.77 39.09 13.58
C SER B 162 2.11 38.78 14.21
N TRP B 163 2.48 37.51 14.23
CA TRP B 163 3.73 37.05 14.81
C TRP B 163 4.65 36.55 13.70
N THR B 164 5.91 36.98 13.74
CA THR B 164 6.88 36.58 12.73
C THR B 164 7.35 35.14 12.99
N ASP B 165 8.31 34.69 12.19
CA ASP B 165 8.90 33.38 12.34
C ASP B 165 10.18 33.47 13.16
N GLN B 166 10.82 32.33 13.38
CA GLN B 166 12.03 32.29 14.18
C GLN B 166 13.20 32.88 13.39
N ASP B 167 13.87 33.85 14.01
CA ASP B 167 15.03 34.47 13.37
C ASP B 167 16.18 33.46 13.29
N SER B 168 16.88 33.47 12.16
CA SER B 168 17.99 32.55 11.99
C SER B 168 19.20 32.98 12.83
N LYS B 169 19.52 34.28 12.80
CA LYS B 169 20.70 34.76 13.50
C LYS B 169 20.48 34.83 15.01
N ASP B 170 19.33 35.33 15.45
CA ASP B 170 19.10 35.60 16.87
C ASP B 170 18.21 34.58 17.56
N SER B 171 17.47 33.77 16.80
CA SER B 171 16.55 32.78 17.37
C SER B 171 15.55 33.43 18.33
N THR B 172 15.06 34.61 17.95
CA THR B 172 14.10 35.35 18.74
C THR B 172 12.82 35.55 17.94
N TYR B 173 11.77 35.99 18.63
CA TYR B 173 10.45 36.19 18.04
C TYR B 173 10.06 37.65 18.09
N SER B 174 9.21 38.05 17.15
CA SER B 174 8.69 39.42 17.09
C SER B 174 7.19 39.37 16.83
N MET B 175 6.49 40.41 17.28
CA MET B 175 5.06 40.49 17.10
C MET B 175 4.65 41.93 16.81
N SER B 176 3.52 42.10 16.13
CA SER B 176 3.01 43.42 15.81
C SER B 176 1.50 43.40 15.96
N SER B 177 0.97 44.32 16.76
CA SER B 177 -0.46 44.43 17.01
C SER B 177 -0.94 45.78 16.50
N THR B 178 -2.02 45.77 15.72
CA THR B 178 -2.58 46.98 15.12
C THR B 178 -4.04 47.10 15.50
N LEU B 179 -4.42 48.28 15.99
CA LEU B 179 -5.80 48.61 16.31
C LEU B 179 -6.29 49.68 15.35
N THR B 180 -7.41 49.42 14.69
CA THR B 180 -7.97 50.32 13.69
C THR B 180 -9.26 50.93 14.21
N LEU B 181 -9.38 52.24 14.10
CA LEU B 181 -10.57 52.97 14.55
C LEU B 181 -10.77 54.18 13.66
N THR B 182 -12.00 54.68 13.66
CA THR B 182 -12.33 55.85 12.86
C THR B 182 -11.70 57.10 13.44
N LYS B 183 -11.64 58.15 12.61
CA LYS B 183 -11.06 59.40 13.06
C LYS B 183 -11.85 60.00 14.22
N ASP B 184 -13.19 59.93 14.14
CA ASP B 184 -14.02 60.44 15.23
C ASP B 184 -13.77 59.66 16.51
N GLU B 185 -13.65 58.33 16.42
CA GLU B 185 -13.40 57.53 17.60
C GLU B 185 -12.04 57.85 18.22
N TYR B 186 -11.02 58.05 17.38
CA TYR B 186 -9.71 58.41 17.90
C TYR B 186 -9.73 59.80 18.55
N GLU B 187 -10.46 60.74 17.95
CA GLU B 187 -10.54 62.08 18.52
C GLU B 187 -11.22 62.07 19.88
N ARG B 188 -12.28 61.27 20.04
CA ARG B 188 -13.01 61.21 21.30
C ARG B 188 -12.34 60.29 22.30
N HIS B 189 -11.05 60.50 22.54
CA HIS B 189 -10.32 59.71 23.52
C HIS B 189 -9.05 60.47 23.90
N ASN B 190 -8.53 60.14 25.09
CA ASN B 190 -7.31 60.78 25.57
C ASN B 190 -6.32 59.80 26.20
N SER B 191 -6.67 58.52 26.32
CA SER B 191 -5.78 57.53 26.92
C SER B 191 -5.69 56.32 26.02
N TYR B 192 -4.46 55.87 25.75
CA TYR B 192 -4.24 54.70 24.93
C TYR B 192 -2.95 54.03 25.39
N THR B 193 -3.04 52.76 25.78
CA THR B 193 -1.89 52.05 26.30
C THR B 193 -1.92 50.61 25.80
N CYS B 194 -0.73 50.01 25.74
CA CYS B 194 -0.57 48.60 25.37
C CYS B 194 0.25 47.91 26.45
N GLU B 195 -0.24 46.77 26.92
CA GLU B 195 0.40 46.00 27.98
C GLU B 195 0.77 44.63 27.43
N ALA B 196 2.01 44.23 27.67
CA ALA B 196 2.54 42.96 27.21
C ALA B 196 2.94 42.11 28.41
N THR B 197 2.51 40.86 28.40
CA THR B 197 2.80 39.90 29.47
C THR B 197 3.47 38.68 28.87
N HIS B 198 4.58 38.26 29.47
CA HIS B 198 5.32 37.09 29.03
C HIS B 198 5.87 36.37 30.26
N LYS B 199 6.37 35.16 30.04
CA LYS B 199 6.92 34.36 31.12
C LYS B 199 8.22 34.94 31.67
N THR B 200 8.83 35.91 30.98
CA THR B 200 10.08 36.48 31.46
C THR B 200 9.90 37.17 32.80
N SER B 201 8.82 37.94 32.97
CA SER B 201 8.57 38.66 34.20
C SER B 201 7.09 38.62 34.52
N THR B 202 6.78 38.69 35.81
CA THR B 202 5.37 38.66 36.24
C THR B 202 4.69 39.98 35.95
N SER B 203 5.37 41.09 36.15
CA SER B 203 4.78 42.41 35.92
C SER B 203 4.74 42.70 34.43
N PRO B 204 3.56 42.94 33.84
CA PRO B 204 3.51 43.27 32.42
C PRO B 204 4.15 44.63 32.14
N ILE B 205 4.69 44.77 30.93
CA ILE B 205 5.29 46.02 30.48
C ILE B 205 4.22 46.82 29.77
N VAL B 206 3.97 48.04 30.24
CA VAL B 206 2.90 48.89 29.71
C VAL B 206 3.52 50.14 29.12
N LYS B 207 3.12 50.45 27.88
CA LYS B 207 3.56 51.67 27.20
C LYS B 207 2.33 52.43 26.74
N SER B 208 2.29 53.73 27.05
CA SER B 208 1.12 54.55 26.77
C SER B 208 1.53 55.81 26.03
N PHE B 209 0.56 56.39 25.32
CA PHE B 209 0.77 57.65 24.61
C PHE B 209 -0.53 58.44 24.68
N ASN B 210 -0.50 59.56 25.39
CA ASN B 210 -1.70 60.38 25.55
C ASN B 210 -2.04 61.08 24.24
N ARG B 211 -3.35 61.25 24.02
CA ARG B 211 -3.81 61.91 22.80
C ARG B 211 -3.36 63.36 22.73
N ASN B 212 -3.39 64.07 23.86
CA ASN B 212 -2.95 65.46 23.88
C ASN B 212 -1.48 65.59 23.52
N GLU B 213 -0.64 64.68 24.03
CA GLU B 213 0.78 64.69 23.73
C GLU B 213 1.03 64.25 22.29
N GLU C 20 15.41 9.36 -14.82
CA GLU C 20 15.04 10.53 -14.05
C GLU C 20 13.54 10.77 -14.10
N VAL C 21 12.88 10.59 -12.96
CA VAL C 21 11.44 10.74 -12.85
C VAL C 21 11.13 12.17 -12.44
N GLN C 22 10.20 12.82 -13.15
CA GLN C 22 9.87 14.20 -12.88
C GLN C 22 8.38 14.44 -13.11
N LEU C 23 7.80 15.30 -12.27
CA LEU C 23 6.41 15.71 -12.40
C LEU C 23 6.34 17.22 -12.46
N GLN C 24 5.61 17.76 -13.43
CA GLN C 24 5.51 19.20 -13.64
C GLN C 24 4.06 19.64 -13.54
N GLN C 25 3.82 20.72 -12.83
CA GLN C 25 2.48 21.28 -12.68
C GLN C 25 2.48 22.75 -13.04
N SER C 26 1.45 23.17 -13.77
CA SER C 26 1.22 24.59 -14.00
C SER C 26 0.70 25.23 -12.72
N GLY C 27 1.14 26.45 -12.44
CA GLY C 27 0.80 27.05 -11.17
C GLY C 27 0.38 28.51 -11.22
N ALA C 28 0.24 29.11 -10.04
CA ALA C 28 -0.11 30.53 -9.89
C ALA C 28 -1.45 30.84 -10.57
N GLU C 29 -2.52 30.26 -10.03
CA GLU C 29 -3.86 30.44 -10.56
C GLU C 29 -4.67 31.33 -9.64
N LEU C 30 -5.26 32.38 -10.20
CA LEU C 30 -6.13 33.31 -9.47
C LEU C 30 -7.48 33.35 -10.18
N VAL C 31 -8.55 33.05 -9.46
CA VAL C 31 -9.88 32.90 -10.05
C VAL C 31 -10.90 33.69 -9.23
N ARG C 32 -11.99 34.07 -9.89
CA ARG C 32 -13.17 34.61 -9.25
C ARG C 32 -14.04 33.47 -8.72
N PRO C 33 -14.84 33.73 -7.68
CA PRO C 33 -15.69 32.66 -7.14
C PRO C 33 -16.73 32.21 -8.14
N GLY C 34 -17.09 30.93 -8.06
CA GLY C 34 -18.06 30.36 -8.97
C GLY C 34 -17.58 30.29 -10.39
N ALA C 35 -16.58 29.47 -10.66
CA ALA C 35 -16.01 29.35 -11.99
C ALA C 35 -15.54 27.91 -12.19
N LEU C 36 -14.71 27.69 -13.20
CA LEU C 36 -14.14 26.37 -13.50
C LEU C 36 -12.63 26.51 -13.56
N VAL C 37 -11.92 25.60 -12.90
CA VAL C 37 -10.47 25.60 -12.90
C VAL C 37 -9.97 24.22 -13.32
N LYS C 38 -8.94 24.19 -14.17
CA LYS C 38 -8.33 22.95 -14.62
C LYS C 38 -6.82 23.03 -14.37
N LEU C 39 -6.29 22.02 -13.70
CA LEU C 39 -4.87 21.94 -13.38
C LEU C 39 -4.28 20.68 -13.99
N SER C 40 -3.01 20.78 -14.39
CA SER C 40 -2.34 19.73 -15.15
C SER C 40 -1.13 19.21 -14.39
N CYS C 41 -0.86 17.92 -14.56
CA CYS C 41 0.30 17.25 -13.99
C CYS C 41 0.91 16.39 -15.10
N LYS C 42 2.10 16.76 -15.55
CA LYS C 42 2.76 16.10 -16.67
C LYS C 42 3.95 15.30 -16.17
N ALA C 43 4.04 14.05 -16.60
CA ALA C 43 5.06 13.13 -16.13
C ALA C 43 6.14 12.95 -17.19
N SER C 44 7.39 12.90 -16.74
CA SER C 44 8.53 12.66 -17.61
C SER C 44 9.41 11.60 -16.99
N GLY C 45 9.85 10.64 -17.80
CA GLY C 45 10.69 9.56 -17.35
C GLY C 45 9.99 8.25 -17.10
N PHE C 46 8.66 8.21 -17.24
CA PHE C 46 7.91 6.98 -17.05
C PHE C 46 6.54 7.16 -17.70
N ASN C 47 5.80 6.05 -17.78
CA ASN C 47 4.47 6.05 -18.36
C ASN C 47 3.44 6.01 -17.25
N ILE C 48 2.51 6.95 -17.27
CA ILE C 48 1.47 7.00 -16.24
C ILE C 48 0.50 5.84 -16.35
N LYS C 49 0.53 5.09 -17.45
CA LYS C 49 -0.36 3.95 -17.61
C LYS C 49 -0.07 2.86 -16.59
N ASP C 50 1.14 2.80 -16.06
CA ASP C 50 1.53 1.76 -15.12
C ASP C 50 1.37 2.16 -13.66
N TYR C 51 0.81 3.33 -13.37
CA TYR C 51 0.71 3.82 -12.01
C TYR C 51 -0.67 4.39 -11.75
N TYR C 52 -0.97 4.63 -10.48
CA TYR C 52 -2.16 5.35 -10.07
C TYR C 52 -1.79 6.80 -9.77
N MET C 53 -2.62 7.74 -10.19
CA MET C 53 -2.36 9.15 -10.00
C MET C 53 -3.30 9.69 -8.93
N HIS C 54 -2.74 10.27 -7.88
CA HIS C 54 -3.51 10.81 -6.77
C HIS C 54 -3.38 12.32 -6.72
N TRP C 55 -4.41 12.97 -6.19
CA TRP C 55 -4.39 14.41 -5.98
C TRP C 55 -4.61 14.72 -4.51
N VAL C 56 -3.86 15.69 -3.99
CA VAL C 56 -3.87 16.01 -2.58
C VAL C 56 -3.95 17.53 -2.41
N LYS C 57 -4.73 17.98 -1.43
CA LYS C 57 -4.90 19.39 -1.16
C LYS C 57 -4.28 19.75 0.19
N GLU C 58 -3.69 20.95 0.27
CA GLU C 58 -3.14 21.47 1.52
C GLU C 58 -3.59 22.91 1.67
N ARG C 59 -4.38 23.17 2.71
CA ARG C 59 -4.87 24.55 2.96
C ARG C 59 -3.93 25.24 3.94
N PRO C 60 -3.86 26.58 3.96
CA PRO C 60 -2.91 27.29 4.82
C PRO C 60 -3.12 26.87 6.27
N GLU C 61 -2.03 26.76 7.04
CA GLU C 61 -2.11 26.37 8.47
C GLU C 61 -3.14 25.24 8.64
N GLN C 62 -3.07 24.22 7.80
CA GLN C 62 -3.97 23.05 7.94
C GLN C 62 -3.21 21.79 7.52
N GLY C 63 -3.79 20.62 7.73
CA GLY C 63 -3.14 19.38 7.38
C GLY C 63 -3.39 18.98 5.93
N LEU C 64 -2.78 17.86 5.56
CA LEU C 64 -2.91 17.33 4.21
C LEU C 64 -4.23 16.60 4.07
N GLU C 65 -4.87 16.74 2.90
CA GLU C 65 -6.14 16.10 2.62
C GLU C 65 -6.07 15.37 1.29
N TRP C 66 -6.63 14.17 1.26
CA TRP C 66 -6.62 13.33 0.07
C TRP C 66 -7.89 13.58 -0.74
N ILE C 67 -7.73 13.79 -2.04
CA ILE C 67 -8.87 14.10 -2.90
C ILE C 67 -9.36 12.84 -3.60
N GLY C 68 -8.49 12.18 -4.34
CA GLY C 68 -8.88 10.98 -5.03
C GLY C 68 -7.77 10.48 -5.94
N TRP C 69 -8.07 9.38 -6.62
CA TRP C 69 -7.09 8.76 -7.52
C TRP C 69 -7.78 8.30 -8.80
N ILE C 70 -6.95 8.18 -9.84
CA ILE C 70 -7.36 7.72 -11.16
C ILE C 70 -6.38 6.68 -11.67
N ASP C 71 -6.90 5.73 -12.43
CA ASP C 71 -6.11 4.74 -13.15
C ASP C 71 -6.16 5.05 -14.64
N PRO C 72 -5.08 5.54 -15.24
CA PRO C 72 -5.14 5.95 -16.65
C PRO C 72 -5.39 4.81 -17.61
N GLU C 73 -5.19 3.55 -17.20
CA GLU C 73 -5.34 2.44 -18.13
C GLU C 73 -6.78 2.30 -18.62
N ASN C 74 -7.75 2.40 -17.70
CA ASN C 74 -9.15 2.24 -18.06
C ASN C 74 -10.03 3.41 -17.68
N GLY C 75 -9.56 4.33 -16.86
CA GLY C 75 -10.31 5.52 -16.53
C GLY C 75 -11.14 5.46 -15.25
N ASN C 76 -10.97 4.43 -14.43
CA ASN C 76 -11.68 4.36 -13.17
C ASN C 76 -11.17 5.43 -12.22
N THR C 77 -12.08 6.06 -11.49
CA THR C 77 -11.76 7.13 -10.56
C THR C 77 -12.43 6.88 -9.24
N ILE C 78 -11.69 7.05 -8.15
CA ILE C 78 -12.23 6.95 -6.79
C ILE C 78 -12.01 8.29 -6.11
N TYR C 79 -13.05 8.78 -5.44
CA TYR C 79 -13.02 10.08 -4.78
C TYR C 79 -13.27 9.93 -3.29
N ASP C 80 -13.01 11.03 -2.57
CA ASP C 80 -13.29 11.24 -1.17
C ASP C 80 -14.69 11.82 -1.03
N PRO C 81 -15.55 11.24 -0.18
CA PRO C 81 -16.92 11.77 -0.02
C PRO C 81 -17.00 13.27 0.23
N LYS C 82 -15.95 13.85 0.80
CA LYS C 82 -15.93 15.29 0.99
C LYS C 82 -15.80 16.05 -0.32
N PHE C 83 -15.23 15.43 -1.35
CA PHE C 83 -15.05 16.06 -2.66
C PHE C 83 -15.85 15.35 -3.74
N GLN C 84 -16.91 14.61 -3.35
CA GLN C 84 -17.59 13.75 -4.31
C GLN C 84 -18.24 14.55 -5.43
N GLY C 85 -18.89 15.66 -5.11
CA GLY C 85 -19.65 16.41 -6.07
C GLY C 85 -19.01 17.67 -6.59
N LYS C 86 -17.72 17.90 -6.37
CA LYS C 86 -17.08 19.14 -6.79
C LYS C 86 -15.74 18.96 -7.48
N ALA C 87 -15.20 17.75 -7.55
CA ALA C 87 -13.91 17.52 -8.17
C ALA C 87 -14.04 16.43 -9.22
N SER C 88 -13.31 16.58 -10.33
CA SER C 88 -13.26 15.57 -11.37
C SER C 88 -11.81 15.35 -11.78
N ILE C 89 -11.47 14.11 -12.12
CA ILE C 89 -10.12 13.74 -12.48
C ILE C 89 -10.14 13.00 -13.81
N THR C 90 -9.28 13.41 -14.73
CA THR C 90 -9.17 12.77 -16.04
C THR C 90 -7.71 12.54 -16.36
N ALA C 91 -7.46 11.73 -17.39
CA ALA C 91 -6.10 11.41 -17.80
C ALA C 91 -6.02 11.32 -19.31
N ASP C 92 -4.82 11.49 -19.83
CA ASP C 92 -4.53 11.36 -21.25
C ASP C 92 -3.23 10.59 -21.39
N THR C 93 -3.33 9.36 -21.90
CA THR C 93 -2.17 8.50 -22.01
C THR C 93 -1.23 8.94 -23.13
N SER C 94 -1.78 9.36 -24.27
CA SER C 94 -0.95 9.74 -25.41
C SER C 94 -0.04 10.91 -25.07
N SER C 95 -0.56 11.90 -24.35
CA SER C 95 0.23 13.03 -23.91
C SER C 95 0.85 12.82 -22.54
N ASN C 96 0.52 11.72 -21.86
CA ASN C 96 1.10 11.38 -20.56
C ASN C 96 0.84 12.49 -19.53
N THR C 97 -0.44 12.80 -19.34
CA THR C 97 -0.81 13.92 -18.50
C THR C 97 -2.06 13.57 -17.69
N ALA C 98 -2.16 14.18 -16.50
CA ALA C 98 -3.34 14.04 -15.66
C ALA C 98 -3.94 15.41 -15.40
N TYR C 99 -5.26 15.47 -15.31
CA TYR C 99 -5.98 16.72 -15.16
C TYR C 99 -6.93 16.65 -13.98
N LEU C 100 -6.96 17.73 -13.19
CA LEU C 100 -7.91 17.89 -12.10
C LEU C 100 -8.77 19.11 -12.37
N GLN C 101 -10.09 18.94 -12.31
CA GLN C 101 -11.04 19.98 -12.61
C GLN C 101 -11.89 20.26 -11.38
N LEU C 102 -11.98 21.55 -11.02
CA LEU C 102 -12.76 22.00 -9.87
C LEU C 102 -13.82 22.99 -10.33
N SER C 103 -15.00 22.90 -9.73
CA SER C 103 -16.14 23.71 -10.10
C SER C 103 -16.80 24.29 -8.85
N SER C 104 -17.51 25.40 -9.06
CA SER C 104 -18.21 26.10 -7.98
C SER C 104 -17.25 26.47 -6.84
N LEU C 105 -16.17 27.15 -7.21
CA LEU C 105 -15.18 27.55 -6.23
C LEU C 105 -15.72 28.61 -5.29
N THR C 106 -15.29 28.52 -4.03
CA THR C 106 -15.68 29.53 -3.01
C THR C 106 -14.38 30.01 -2.34
N SER C 107 -14.45 31.07 -1.54
CA SER C 107 -13.20 31.63 -0.95
C SER C 107 -12.52 30.58 -0.08
N GLU C 108 -13.24 29.54 0.33
CA GLU C 108 -12.67 28.54 1.26
C GLU C 108 -11.89 27.48 0.48
N ASP C 109 -11.61 27.74 -0.80
CA ASP C 109 -10.94 26.70 -1.64
C ASP C 109 -9.48 27.08 -1.91
N THR C 110 -9.05 28.28 -1.51
CA THR C 110 -7.68 28.69 -1.79
C THR C 110 -6.70 27.78 -1.07
N ALA C 111 -5.80 27.17 -1.83
CA ALA C 111 -4.90 26.17 -1.27
C ALA C 111 -3.73 25.85 -2.19
N VAL C 112 -2.99 24.80 -1.86
CA VAL C 112 -1.90 24.29 -2.69
C VAL C 112 -2.23 22.85 -3.04
N TYR C 113 -2.14 22.51 -4.32
CA TYR C 113 -2.53 21.20 -4.81
C TYR C 113 -1.31 20.44 -5.33
N TYR C 114 -1.26 19.15 -4.98
CA TYR C 114 -0.14 18.28 -5.30
C TYR C 114 -0.62 17.07 -6.09
N CYS C 115 0.20 16.65 -7.04
CA CYS C 115 -0.04 15.46 -7.85
C CYS C 115 1.00 14.41 -7.48
N ALA C 116 0.55 13.20 -7.17
CA ALA C 116 1.43 12.18 -6.65
C ALA C 116 1.22 10.85 -7.36
N ARG C 117 2.22 9.99 -7.26
CA ARG C 117 2.29 8.72 -7.96
C ARG C 117 2.22 7.57 -6.97
N LYS C 118 1.46 6.53 -7.31
CA LYS C 118 1.33 5.35 -6.47
C LYS C 118 1.44 4.10 -7.31
N ARG C 119 1.89 3.01 -6.68
CA ARG C 119 2.17 1.76 -7.40
C ARG C 119 0.94 0.87 -7.51
N GLY C 120 0.36 0.48 -6.37
CA GLY C 120 -0.77 -0.42 -6.39
C GLY C 120 -1.99 0.10 -5.67
N TYR C 121 -2.95 -0.79 -5.40
CA TYR C 121 -4.13 -0.40 -4.64
C TYR C 121 -3.74 0.05 -3.24
N TYR C 122 -2.80 -0.64 -2.62
CA TYR C 122 -2.33 -0.35 -1.27
C TYR C 122 -0.83 -0.16 -1.25
N GLY C 123 -0.33 0.65 -2.17
CA GLY C 123 1.06 1.00 -2.23
C GLY C 123 1.54 1.64 -0.95
N PRO C 124 2.71 1.22 -0.47
CA PRO C 124 3.19 1.71 0.83
C PRO C 124 3.45 3.21 0.88
N TYR C 125 3.82 3.84 -0.24
CA TYR C 125 4.30 5.21 -0.14
C TYR C 125 4.12 5.94 -1.47
N PHE C 126 4.21 7.27 -1.39
CA PHE C 126 4.28 8.15 -2.55
C PHE C 126 5.75 8.48 -2.77
N ASP C 127 6.39 7.82 -3.73
CA ASP C 127 7.82 8.02 -3.93
C ASP C 127 8.12 9.39 -4.53
N TYR C 128 7.31 9.83 -5.50
CA TYR C 128 7.57 11.07 -6.21
C TYR C 128 6.35 11.97 -6.15
N TRP C 129 6.59 13.25 -5.95
CA TRP C 129 5.54 14.26 -5.83
C TRP C 129 5.71 15.30 -6.94
N GLY C 130 4.83 16.30 -6.92
CA GLY C 130 4.92 17.43 -7.82
C GLY C 130 5.39 18.67 -7.08
N GLN C 131 5.64 19.73 -7.85
CA GLN C 131 6.10 20.98 -7.24
C GLN C 131 4.98 21.69 -6.50
N GLY C 132 3.74 21.41 -6.84
CA GLY C 132 2.60 22.05 -6.20
C GLY C 132 2.12 23.25 -6.98
N THR C 133 0.81 23.47 -6.94
CA THR C 133 0.18 24.59 -7.64
C THR C 133 -0.64 25.41 -6.64
N THR C 134 -0.46 26.72 -6.67
CA THR C 134 -1.17 27.61 -5.76
C THR C 134 -2.43 28.13 -6.44
N LEU C 135 -3.58 27.87 -5.80
CA LEU C 135 -4.87 28.31 -6.31
C LEU C 135 -5.47 29.29 -5.31
N THR C 136 -5.84 30.48 -5.79
CA THR C 136 -6.45 31.50 -4.94
C THR C 136 -7.73 31.99 -5.59
N VAL C 137 -8.73 32.25 -4.74
CA VAL C 137 -10.03 32.75 -5.18
C VAL C 137 -10.24 34.12 -4.55
N SER C 138 -10.38 35.13 -5.39
CA SER C 138 -10.47 36.51 -4.93
C SER C 138 -11.66 37.20 -5.60
N SER C 139 -11.80 38.50 -5.33
CA SER C 139 -12.93 39.25 -5.84
C SER C 139 -12.55 40.52 -6.57
N LYS C 140 -11.51 41.23 -6.13
CA LYS C 140 -11.18 42.52 -6.72
C LYS C 140 -9.67 42.75 -6.64
N THR C 141 -9.21 43.73 -7.42
CA THR C 141 -7.80 44.09 -7.47
C THR C 141 -7.66 45.60 -7.24
N THR C 142 -6.52 45.99 -6.68
CA THR C 142 -6.26 47.38 -6.34
C THR C 142 -4.75 47.59 -6.27
N ALA C 143 -4.34 48.72 -5.70
CA ALA C 143 -2.94 49.09 -5.58
C ALA C 143 -2.60 49.40 -4.13
N PRO C 144 -1.35 49.19 -3.72
CA PRO C 144 -0.99 49.39 -2.32
C PRO C 144 -0.98 50.85 -1.93
N SER C 145 -1.19 51.09 -0.63
CA SER C 145 -1.12 52.43 -0.06
C SER C 145 -0.17 52.41 1.13
N VAL C 146 0.75 53.37 1.16
CA VAL C 146 1.79 53.43 2.19
C VAL C 146 1.56 54.69 3.02
N TYR C 147 1.47 54.50 4.34
CA TYR C 147 1.29 55.61 5.29
C TYR C 147 2.35 55.46 6.38
N PRO C 148 3.62 55.77 6.06
CA PRO C 148 4.68 55.60 7.05
C PRO C 148 4.48 56.51 8.26
N LEU C 149 4.91 56.03 9.42
CA LEU C 149 4.75 56.76 10.66
C LEU C 149 5.85 56.35 11.62
N ALA C 150 6.71 57.29 11.98
CA ALA C 150 7.77 57.06 12.97
C ALA C 150 7.51 57.97 14.16
N PRO C 151 6.97 57.44 15.26
CA PRO C 151 6.66 58.30 16.41
C PRO C 151 7.93 58.81 17.08
N VAL C 152 8.00 60.12 17.28
CA VAL C 152 9.14 60.74 17.94
C VAL C 152 8.63 61.69 19.02
N CYS C 153 7.34 61.59 19.34
CA CYS C 153 6.74 62.43 20.36
C CYS C 153 7.00 61.84 21.74
N GLY C 154 7.50 62.66 22.65
CA GLY C 154 7.82 62.19 23.99
C GLY C 154 8.92 61.16 24.04
N ASP C 155 9.97 61.36 23.23
CA ASP C 155 11.08 60.42 23.22
C ASP C 155 11.86 60.48 24.53
N THR C 156 12.40 59.34 24.94
CA THR C 156 13.16 59.22 26.18
C THR C 156 14.64 58.94 25.93
N THR C 157 14.96 57.88 25.19
CA THR C 157 16.33 57.49 24.91
C THR C 157 16.57 57.52 23.41
N GLY C 158 17.61 58.23 22.99
CA GLY C 158 17.98 58.31 21.60
C GLY C 158 18.95 57.25 21.11
N SER C 159 19.37 56.34 21.98
CA SER C 159 20.30 55.29 21.58
C SER C 159 19.61 54.12 20.88
N SER C 160 18.29 54.04 20.95
CA SER C 160 17.53 52.97 20.29
C SER C 160 16.36 53.62 19.56
N VAL C 161 16.50 53.76 18.24
CA VAL C 161 15.48 54.37 17.40
C VAL C 161 14.84 53.27 16.56
N THR C 162 13.53 53.12 16.69
CA THR C 162 12.76 52.14 15.92
C THR C 162 11.76 52.88 15.04
N LEU C 163 11.90 52.72 13.73
CA LEU C 163 11.03 53.36 12.75
C LEU C 163 10.29 52.29 11.97
N GLY C 164 8.98 52.45 11.84
CA GLY C 164 8.16 51.47 11.17
C GLY C 164 7.31 52.08 10.07
N CYS C 165 7.11 51.30 9.01
CA CYS C 165 6.29 51.69 7.88
C CYS C 165 5.22 50.64 7.67
N LEU C 166 3.97 51.09 7.52
CA LEU C 166 2.83 50.21 7.35
C LEU C 166 2.23 50.43 5.97
N VAL C 167 2.03 49.33 5.24
CA VAL C 167 1.39 49.35 3.92
C VAL C 167 0.05 48.66 4.04
N LYS C 168 -1.01 49.35 3.64
CA LYS C 168 -2.36 48.84 3.77
C LYS C 168 -3.08 48.90 2.43
N GLY C 169 -4.11 48.07 2.29
CA GLY C 169 -4.90 48.04 1.09
C GLY C 169 -4.19 47.52 -0.15
N TYR C 170 -3.37 46.48 0.00
CA TYR C 170 -2.77 45.85 -1.17
C TYR C 170 -3.86 45.16 -1.99
N PHE C 171 -3.63 45.08 -3.30
CA PHE C 171 -4.67 44.61 -4.20
C PHE C 171 -4.33 43.24 -4.78
N PRO C 172 -4.53 42.17 -4.01
CA PRO C 172 -4.30 40.82 -4.55
C PRO C 172 -2.89 40.61 -5.08
N GLU C 173 -1.88 40.93 -4.29
CA GLU C 173 -0.50 40.80 -4.73
C GLU C 173 0.46 40.86 -3.55
N PRO C 174 1.67 40.32 -3.69
CA PRO C 174 2.70 40.52 -2.67
C PRO C 174 3.56 41.72 -2.97
N VAL C 175 3.84 42.51 -1.93
CA VAL C 175 4.63 43.72 -2.06
C VAL C 175 6.03 43.46 -1.49
N THR C 176 6.99 44.24 -1.94
CA THR C 176 8.37 44.16 -1.45
C THR C 176 8.74 45.50 -0.83
N LEU C 177 9.15 45.47 0.44
CA LEU C 177 9.49 46.67 1.18
C LEU C 177 10.96 46.63 1.58
N THR C 178 11.67 47.72 1.31
CA THR C 178 13.07 47.85 1.69
C THR C 178 13.23 49.16 2.46
N TRP C 179 13.54 49.06 3.75
CA TRP C 179 13.70 50.23 4.60
C TRP C 179 15.15 50.66 4.61
N ASN C 180 15.40 51.93 4.28
CA ASN C 180 16.74 52.49 4.19
C ASN C 180 17.62 51.65 3.27
N SER C 181 17.23 51.62 1.99
CA SER C 181 17.95 50.83 1.00
C SER C 181 19.39 51.31 0.86
N GLY C 182 19.65 52.60 1.14
CA GLY C 182 21.01 53.10 1.08
C GLY C 182 21.91 52.47 2.12
N SER C 183 21.40 52.25 3.32
CA SER C 183 22.15 51.64 4.43
C SER C 183 21.34 50.47 4.96
N LEU C 184 21.52 49.29 4.35
CA LEU C 184 20.82 48.11 4.81
C LEU C 184 21.29 47.70 6.19
N SER C 185 20.35 47.25 7.02
CA SER C 185 20.64 46.84 8.39
C SER C 185 19.91 45.54 8.70
N SER C 186 20.46 44.80 9.65
CA SER C 186 19.88 43.52 10.07
C SER C 186 18.79 43.69 11.13
N GLY C 187 18.53 44.91 11.57
CA GLY C 187 17.50 45.18 12.55
C GLY C 187 16.12 45.38 12.00
N VAL C 188 15.92 45.17 10.70
CA VAL C 188 14.63 45.37 10.06
C VAL C 188 13.90 44.03 10.01
N HIS C 189 12.68 44.01 10.55
CA HIS C 189 11.82 42.83 10.52
C HIS C 189 10.48 43.23 9.94
N THR C 190 9.97 42.43 9.01
CA THR C 190 8.70 42.67 8.34
C THR C 190 7.72 41.59 8.76
N PHE C 191 6.59 42.00 9.34
CA PHE C 191 5.61 41.03 9.80
C PHE C 191 4.87 40.43 8.61
N PRO C 192 4.37 39.20 8.76
CA PRO C 192 3.60 38.60 7.67
C PRO C 192 2.33 39.37 7.38
N ALA C 193 1.96 39.42 6.10
CA ALA C 193 0.77 40.16 5.68
C ALA C 193 -0.50 39.44 6.13
N VAL C 194 -1.54 40.21 6.41
CA VAL C 194 -2.82 39.68 6.87
C VAL C 194 -3.93 40.22 5.98
N LEU C 195 -5.01 39.46 5.90
CA LEU C 195 -6.14 39.80 5.03
C LEU C 195 -7.24 40.42 5.88
N GLN C 196 -7.67 41.62 5.49
CA GLN C 196 -8.74 42.33 6.19
C GLN C 196 -9.59 43.06 5.15
N SER C 197 -10.91 42.86 5.23
CA SER C 197 -11.87 43.53 4.38
C SER C 197 -11.57 43.31 2.89
N GLY C 198 -11.03 42.15 2.55
CA GLY C 198 -10.70 41.83 1.17
C GLY C 198 -9.40 42.39 0.67
N LEU C 199 -8.67 43.14 1.49
CA LEU C 199 -7.37 43.69 1.12
C LEU C 199 -6.30 43.06 2.00
N TYR C 200 -5.04 43.42 1.74
CA TYR C 200 -3.91 42.87 2.46
C TYR C 200 -3.14 44.01 3.14
N THR C 201 -2.63 43.73 4.34
CA THR C 201 -1.90 44.71 5.12
C THR C 201 -0.60 44.10 5.64
N LEU C 202 0.42 44.94 5.79
CA LEU C 202 1.71 44.50 6.27
C LEU C 202 2.43 45.69 6.92
N SER C 203 3.47 45.39 7.68
CA SER C 203 4.23 46.42 8.36
C SER C 203 5.65 45.94 8.60
N SER C 204 6.62 46.82 8.34
CA SER C 204 8.03 46.51 8.53
C SER C 204 8.65 47.56 9.45
N SER C 205 9.37 47.10 10.46
CA SER C 205 9.97 48.00 11.45
C SER C 205 11.46 47.72 11.54
N VAL C 206 12.27 48.78 11.52
CA VAL C 206 13.72 48.69 11.65
C VAL C 206 14.12 49.46 12.89
N THR C 207 14.84 48.80 13.81
CA THR C 207 15.30 49.40 15.04
C THR C 207 16.81 49.47 15.12
N VAL C 208 17.50 49.28 13.99
CA VAL C 208 18.95 49.31 13.97
C VAL C 208 19.48 50.71 13.65
N THR C 209 18.62 51.73 13.75
CA THR C 209 19.05 53.10 13.49
C THR C 209 20.05 53.62 14.52
N SER C 210 20.08 53.01 15.71
CA SER C 210 20.98 53.41 16.80
C SER C 210 20.68 54.87 17.14
N SER C 211 21.65 55.78 17.09
CA SER C 211 21.42 57.18 17.39
C SER C 211 21.44 58.08 16.16
N THR C 212 21.92 57.58 15.02
CA THR C 212 21.96 58.38 13.80
C THR C 212 20.58 58.60 13.19
N TRP C 213 19.58 57.86 13.64
CA TRP C 213 18.23 58.03 13.09
C TRP C 213 17.69 59.43 13.24
N PRO C 214 17.84 60.12 14.38
CA PRO C 214 17.33 61.49 14.48
C PRO C 214 18.00 62.47 13.54
N SER C 215 19.19 62.16 13.03
CA SER C 215 19.92 63.03 12.12
C SER C 215 19.97 62.50 10.69
N GLN C 216 20.46 61.28 10.51
CA GLN C 216 20.52 60.69 9.18
C GLN C 216 19.12 60.35 8.68
N SER C 217 18.87 60.66 7.42
CA SER C 217 17.56 60.40 6.81
C SER C 217 17.50 58.97 6.29
N ILE C 218 16.41 58.27 6.61
CA ILE C 218 16.19 56.90 6.18
C ILE C 218 14.86 56.86 5.44
N THR C 219 14.87 56.29 4.24
CA THR C 219 13.70 56.21 3.39
C THR C 219 13.37 54.76 3.08
N CYS C 220 12.09 54.42 3.19
CA CYS C 220 11.59 53.08 2.90
C CYS C 220 10.88 53.10 1.56
N ASN C 221 11.20 52.12 0.71
CA ASN C 221 10.62 52.00 -0.62
C ASN C 221 9.79 50.72 -0.68
N VAL C 222 8.54 50.85 -1.11
CA VAL C 222 7.62 49.75 -1.25
C VAL C 222 7.23 49.62 -2.71
N ALA C 223 7.36 48.41 -3.25
CA ALA C 223 7.09 48.14 -4.65
C ALA C 223 6.05 47.03 -4.77
N HIS C 224 4.99 47.31 -5.53
CA HIS C 224 3.98 46.33 -5.87
C HIS C 224 4.15 45.93 -7.33
N PRO C 225 4.50 44.68 -7.62
CA PRO C 225 4.78 44.32 -9.02
C PRO C 225 3.52 44.20 -9.86
N ALA C 226 2.44 43.65 -9.30
CA ALA C 226 1.21 43.51 -10.08
C ALA C 226 0.66 44.88 -10.48
N SER C 227 0.66 45.83 -9.56
CA SER C 227 0.34 47.21 -9.90
C SER C 227 1.53 47.95 -10.49
N SER C 228 2.74 47.37 -10.39
CA SER C 228 3.95 47.98 -10.92
C SER C 228 4.15 49.40 -10.40
N THR C 229 3.89 49.58 -9.10
CA THR C 229 3.96 50.90 -8.47
C THR C 229 5.01 50.88 -7.37
N LYS C 230 5.94 51.84 -7.42
CA LYS C 230 6.99 51.98 -6.42
C LYS C 230 6.85 53.33 -5.75
N VAL C 231 6.79 53.32 -4.41
CA VAL C 231 6.64 54.53 -3.62
C VAL C 231 7.71 54.54 -2.54
N ASP C 232 8.46 55.64 -2.47
CA ASP C 232 9.51 55.81 -1.47
C ASP C 232 9.13 56.96 -0.55
N LYS C 233 9.14 56.70 0.76
CA LYS C 233 8.82 57.70 1.77
C LYS C 233 9.94 57.76 2.78
N LYS C 234 10.40 58.97 3.08
CA LYS C 234 11.50 59.19 4.02
C LYS C 234 10.93 59.54 5.38
N ILE C 235 11.40 58.83 6.42
CA ILE C 235 10.91 59.08 7.77
C ILE C 235 11.50 60.38 8.29
N GLU C 236 10.65 61.18 8.93
CA GLU C 236 11.05 62.47 9.48
C GLU C 236 10.65 62.55 10.95
N PRO C 237 11.34 63.37 11.74
CA PRO C 237 11.00 63.47 13.16
C PRO C 237 9.62 64.07 13.36
N ALA C 238 8.97 63.65 14.45
CA ALA C 238 7.64 64.14 14.78
C ALA C 238 7.72 65.45 15.54
N SQ6 D 1 -7.80 -28.25 -7.21
CA SQ6 D 1 -7.17 -27.77 -5.98
C SQ6 D 1 -6.35 -28.83 -5.27
O SQ6 D 1 -5.16 -28.55 -4.96
C1 SQ6 D 1 -8.71 -27.26 -7.79
C2 SQ6 D 1 -9.76 -26.82 -6.77
O3 SQ6 D 1 -9.72 -25.63 -6.39
O4 SQ6 D 1 -10.58 -27.68 -6.40
N THR D 2 -6.92 -30.01 -5.04
CA THR D 2 -6.29 -31.07 -4.27
C THR D 2 -4.87 -31.38 -4.75
N HIS D 3 -3.89 -30.95 -3.96
CA HIS D 3 -2.49 -31.24 -4.24
C HIS D 3 -2.25 -32.74 -4.14
C 2GX D 4 -3.64 -35.31 -3.38
N 2GX D 4 -2.36 -33.27 -2.93
O 2GX D 4 -4.74 -34.88 -2.98
CA 2GX D 4 -2.37 -34.75 -2.74
CB 2GX D 4 -2.24 -35.17 -1.27
CG 2GX D 4 -2.61 -36.62 -0.99
CZ 2GX D 4 -3.29 -39.28 -0.50
CAE 2GX D 4 -3.93 -32.50 1.67
CAH 2GX D 4 -4.60 -32.73 0.49
CAI 2GX D 4 -2.73 -33.13 1.92
CAL 2GX D 4 -4.06 -33.58 -0.46
CAM 2GX D 4 -2.20 -33.98 0.96
CAO 2GX D 4 -2.84 -34.21 -0.24
CD1 2GX D 4 -2.10 -37.65 -1.78
CD2 2GX D 4 -3.46 -36.95 0.04
CE1 2GX D 4 -2.44 -38.97 -1.53
CE2 2GX D 4 -3.80 -38.28 0.30
C EOE D 5 -6.10 -38.68 -5.74
CA EOE D 5 -4.86 -38.23 -4.97
CB EOE D 5 -4.69 -36.72 -5.06
C05 EOE D 5 -4.34 -36.22 -6.46
C06 EOE D 5 -2.82 -36.37 -6.55
C07 EOE D 5 -2.41 -36.74 -5.13
N EOE D 5 -3.52 -36.25 -4.32
O EOE D 5 -7.04 -39.11 -5.05
N ARG D 6 -5.75 -39.23 -6.90
CA ARG D 6 -6.60 -40.18 -7.59
C ARG D 6 -6.47 -41.59 -7.00
N CYS D 7 -7.23 -42.52 -7.58
CA CYS D 7 -7.31 -43.89 -7.01
C CYS D 7 -7.64 -44.88 -8.10
N ARG D 8 -8.90 -45.31 -8.14
CA ARG D 8 -9.32 -46.29 -9.12
C ARG D 8 -8.93 -45.83 -10.53
N 3FB D 9 -7.94 -46.49 -11.11
CA 3FB D 9 -7.26 -45.94 -12.33
CB 3FB D 9 -5.86 -46.55 -12.41
CG 3FB D 9 -5.07 -46.35 -11.14
CD1 3FB D 9 -4.89 -47.39 -10.24
CE1 3FB D 9 -4.16 -47.20 -9.08
CH 3FB D 9 -3.61 -45.97 -8.79
CE2 3FB D 9 -3.80 -44.92 -9.68
CD2 3FB D 9 -4.51 -45.12 -10.85
CCC 3FB D 9 -7.99 -46.15 -13.66
C 3FB D 9 -7.27 -45.61 -14.89
O 3FB D 9 -7.77 -44.61 -15.44
C ACA D 10 -7.71 -43.83 -20.98
O ACA D 10 -7.77 -42.59 -20.89
C2 ACA D 10 -7.07 -44.63 -19.86
C3 ACA D 10 -5.63 -44.30 -19.59
C4 ACA D 10 -4.91 -45.37 -18.78
C5 ACA D 10 -5.31 -45.49 -17.31
C6 ACA D 10 -6.45 -46.45 -17.04
N ACA D 10 -6.68 -46.58 -15.58
N SOW D 11 -7.95 -44.49 -22.12
CA SOW D 11 -8.35 -43.79 -23.34
C SOW D 11 -9.41 -43.02 -24.10
O SOW D 11 -10.49 -43.60 -24.31
CB SOW D 11 -7.02 -45.53 -22.67
CG SOW D 11 -5.84 -44.88 -23.37
OD1 SOW D 11 -5.10 -44.10 -22.77
ND2 SOW D 11 -5.69 -45.22 -24.64
N SQI D 12 -9.46 -41.81 -24.87
C1 SQI D 12 -9.59 -24.34 -25.58
C10 SQI D 12 -7.83 -33.87 -23.33
C11 SQI D 12 -8.22 -35.32 -23.41
C12 SQI D 12 -9.63 -35.56 -23.88
C13 SQI D 12 -10.11 -36.98 -23.74
C14 SQI D 12 -9.29 -38.00 -24.49
C15 SQI D 12 -9.78 -39.42 -24.32
C16 SQI D 12 -8.95 -40.43 -25.07
C2 SQI D 12 -8.38 -25.00 -26.20
C3 SQI D 12 -8.48 -26.52 -26.26
C4 SQI D 12 -7.30 -27.18 -26.92
C5 SQI D 12 -7.42 -28.68 -27.04
C6 SQI D 12 -7.45 -29.40 -25.72
C7 SQI D 12 -7.65 -30.90 -25.84
C8 SQI D 12 -7.62 -31.65 -24.52
C9 SQI D 12 -7.90 -33.12 -24.65
N POV E . -0.25 -11.91 -27.54
P POV E . 2.43 -14.64 -25.00
C1 POV E . 0.81 -16.64 -25.51
C2 POV E . 1.28 -18.10 -25.45
C3 POV E . 2.36 -18.43 -26.46
C210 POV E . 2.87 -30.37 -22.67
C310 POV E . 8.51 -29.29 -23.85
C11 POV E . 1.48 -12.27 -25.64
O11 POV E . 1.53 -15.90 -24.55
C211 POV E . 2.59 -31.08 -23.96
C311 POV E . 7.41 -30.19 -23.30
C12 POV E . 1.16 -12.25 -27.12
O12 POV E . 1.21 -13.51 -25.03
C212 POV E . 3.48 -32.31 -24.17
C312 POV E . 7.90 -31.11 -22.19
C13 POV E . -1.20 -12.99 -27.16
O13 POV E . 2.87 -14.90 -26.40
C213 POV E . 3.32 -32.95 -25.54
C313 POV E . 7.21 -32.45 -22.15
C14 POV E . -0.64 -10.66 -26.83
O14 POV E . 3.41 -14.26 -23.94
C214 POV E . 3.64 -34.44 -25.54
C314 POV E . 7.60 -33.36 -23.31
C15 POV E . -0.34 -11.66 -29.01
C215 POV E . 2.62 -35.29 -24.78
C315 POV E . 6.93 -34.72 -23.28
C216 POV E . 2.67 -36.76 -25.14
C316 POV E . 7.30 -35.59 -24.47
C217 POV E . 1.56 -37.58 -24.49
C218 POV E . 1.47 -39.00 -25.03
C21 POV E . -0.11 -19.86 -24.72
O21 POV E . 0.22 -19.02 -25.69
C22 POV E . -0.16 -21.28 -25.20
O22 POV E . -0.34 -19.50 -23.58
C23 POV E . -0.01 -22.31 -24.09
C24 POV E . 0.33 -23.69 -24.66
C25 POV E . 0.70 -24.69 -23.57
C26 POV E . 1.47 -25.89 -24.11
C27 POV E . 1.79 -26.92 -23.03
C28 POV E . 2.80 -27.98 -23.48
C29 POV E . 2.97 -29.07 -22.48
C31 POV E . 3.86 -20.24 -26.74
O31 POV E . 3.12 -19.51 -25.93
C32 POV E . 4.31 -21.50 -26.05
O32 POV E . 4.13 -19.93 -27.88
C33 POV E . 4.75 -21.28 -24.61
C34 POV E . 4.97 -22.62 -23.92
C35 POV E . 5.95 -23.54 -24.64
C36 POV E . 6.02 -24.91 -24.00
C37 POV E . 6.78 -25.93 -24.83
C38 POV E . 7.07 -27.21 -24.05
C39 POV E . 8.00 -28.18 -24.78
N POV F . 3.15 -18.99 25.22
P POV F . 1.82 -15.66 23.10
C1 POV F . 1.66 -13.75 21.27
C2 POV F . 0.83 -13.34 20.06
C3 POV F . -0.03 -12.11 20.29
C210 POV F . -2.46 -22.19 12.73
C310 POV F . -4.94 -17.22 11.33
C11 POV F . 3.36 -17.80 22.93
O11 POV F . 1.10 -14.91 21.84
C211 POV F . -2.93 -23.37 13.52
C311 POV F . -6.41 -17.41 11.01
C12 POV F . 2.65 -18.79 23.80
O12 POV F . 2.48 -16.92 22.25
C212 POV F . -4.43 -23.61 13.31
C312 POV F . -6.80 -18.88 10.91
C13 POV F . 4.52 -19.59 25.23
O13 POV F . 0.73 -16.19 23.97
C213 POV F . -5.08 -24.35 14.47
C313 POV F . -8.26 -19.10 10.52
C14 POV F . 3.21 -17.64 25.86
O14 POV F . 2.93 -14.82 23.67
C214 POV F . -4.59 -25.79 14.62
C314 POV F . -8.64 -20.58 10.43
C15 POV F . 2.23 -19.84 26.02
C215 POV F . -5.18 -26.73 13.58
C315 POV F . -10.09 -20.81 10.05
C216 POV F . -4.83 -28.19 13.84
C316 POV F . -10.48 -22.29 10.00
C217 POV F . -5.51 -29.15 12.88
C218 POV F . -5.18 -30.61 13.15
C21 POV F . 0.20 -15.08 18.59
O21 POV F . -0.07 -14.37 19.67
C22 POV F . -0.83 -16.15 18.36
O22 POV F . 1.16 -14.87 17.88
C23 POV F . -0.85 -16.69 16.93
C24 POV F . 0.27 -17.70 16.69
C25 POV F . 0.44 -18.03 15.23
C26 POV F . -0.82 -18.58 14.59
C27 POV F . -1.30 -19.89 15.21
C28 POV F . -2.55 -20.44 14.56
C29 POV F . -2.29 -20.95 13.18
C31 POV F . -1.30 -10.67 18.91
O31 POV F . -0.83 -11.89 19.13
C32 POV F . -2.09 -10.63 17.63
O32 POV F . -1.12 -9.74 19.65
C33 POV F . -3.44 -11.32 17.68
C34 POV F . -3.37 -12.73 17.10
C35 POV F . -3.32 -12.78 15.58
C36 POV F . -3.37 -14.21 15.05
C37 POV F . -3.60 -14.30 13.55
C38 POV F . -3.89 -15.72 13.08
C39 POV F . -4.56 -15.80 11.71
#